data_5BMO
#
_entry.id   5BMO
#
_cell.length_a   71.998
_cell.length_b   71.998
_cell.length_c   284.458
_cell.angle_alpha   90.000
_cell.angle_beta   90.000
_cell.angle_gamma   90.000
#
_symmetry.space_group_name_H-M   'P 43 21 2'
#
loop_
_entity.id
_entity.type
_entity.pdbx_description
1 polymer 'Putative uncharacterized protein LnmX'
2 non-polymer 'POTASSIUM ION'
3 non-polymer 'ACETATE ION'
4 water water
#
_entity_poly.entity_id   1
_entity_poly.type   'polypeptide(L)'
_entity_poly.pdbx_seq_one_letter_code
;SNAMADTLLELPDDFSRVLAIVAHPDDIEFGAGPAVAQWTAQGREVAYLLVTRGEAGISDLEPAQCGPVREAEQRKAAAE
LGVHEVDFLDHYNDGTIEYGPGLRRDLARAVRRHRPELIVTFNHHDTWASGAWNTPDHRAVGLAALDAVADAANRWIFPE
LLDEGLEPWRAGKVAIAGSPHATHAVAVDDDSRDRAVRSLAAHDRYLGSLSDDPPQERARFILGHLLAATAPRFGGRDGV
AFQIVG
;
_entity_poly.pdbx_strand_id   A,B,C
#
loop_
_chem_comp.id
_chem_comp.type
_chem_comp.name
_chem_comp.formula
ACT non-polymer 'ACETATE ION' 'C2 H3 O2 -1'
K non-polymer 'POTASSIUM ION' 'K 1'
#
# COMPACT_ATOMS: atom_id res chain seq x y z
N THR A 7 -15.61 -5.90 -20.45
CA THR A 7 -16.45 -4.90 -21.18
C THR A 7 -16.97 -3.81 -20.20
N LEU A 8 -16.63 -2.54 -20.48
CA LEU A 8 -17.01 -1.43 -19.60
C LEU A 8 -18.51 -1.09 -19.64
N LEU A 9 -19.12 -0.97 -18.47
CA LEU A 9 -20.52 -0.54 -18.33
C LEU A 9 -20.68 0.94 -18.39
N GLU A 10 -21.81 1.38 -18.90
CA GLU A 10 -22.08 2.80 -18.95
C GLU A 10 -22.40 3.27 -17.53
N LEU A 11 -21.80 4.38 -17.14
CA LEU A 11 -21.99 4.87 -15.81
C LEU A 11 -23.46 5.28 -15.64
N PRO A 12 -24.10 4.87 -14.53
CA PRO A 12 -25.47 5.31 -14.32
C PRO A 12 -25.64 6.82 -14.11
N ASP A 13 -26.84 7.32 -14.41
CA ASP A 13 -27.12 8.77 -14.49
C ASP A 13 -27.97 9.23 -13.32
N ASP A 14 -27.58 8.81 -12.13
CA ASP A 14 -28.32 9.08 -10.92
C ASP A 14 -27.53 10.03 -10.01
N PHE A 15 -26.93 11.08 -10.61
CA PHE A 15 -26.25 12.09 -9.83
C PHE A 15 -26.38 13.50 -10.45
N SER A 16 -26.52 14.51 -9.60
CA SER A 16 -26.57 15.88 -10.06
C SER A 16 -25.40 16.73 -9.55
N ARG A 17 -24.70 16.32 -8.49
CA ARG A 17 -23.49 17.03 -8.06
C ARG A 17 -22.28 16.08 -7.97
N VAL A 18 -21.16 16.55 -8.51
CA VAL A 18 -19.89 15.84 -8.62
C VAL A 18 -18.81 16.71 -7.96
N LEU A 19 -17.92 16.10 -7.17
CA LEU A 19 -16.68 16.78 -6.72
C LEU A 19 -15.49 15.96 -7.21
N ALA A 20 -14.60 16.62 -7.94
CA ALA A 20 -13.38 16.00 -8.36
C ALA A 20 -12.28 16.42 -7.41
N ILE A 21 -11.55 15.44 -6.93
CA ILE A 21 -10.45 15.68 -5.96
C ILE A 21 -9.16 15.12 -6.55
N VAL A 22 -8.18 15.98 -6.76
CA VAL A 22 -6.95 15.61 -7.40
C VAL A 22 -5.76 16.32 -6.74
N ALA A 23 -4.58 15.76 -6.96
CA ALA A 23 -3.35 16.29 -6.40
C ALA A 23 -2.95 17.64 -7.06
N HIS A 24 -3.06 17.72 -8.38
CA HIS A 24 -2.49 18.90 -9.06
C HIS A 24 -3.29 19.30 -10.27
N PRO A 25 -3.06 20.54 -10.74
CA PRO A 25 -3.56 20.98 -12.02
C PRO A 25 -3.10 20.04 -13.10
N ASP A 26 -4.01 19.84 -14.02
CA ASP A 26 -3.87 18.96 -15.20
C ASP A 26 -4.40 17.54 -14.98
N ASP A 27 -4.45 17.06 -13.74
CA ASP A 27 -4.91 15.68 -13.46
C ASP A 27 -6.31 15.49 -14.05
N ILE A 28 -7.17 16.48 -13.84
CA ILE A 28 -8.56 16.33 -14.31
C ILE A 28 -8.62 16.38 -15.82
N GLU A 29 -7.89 17.32 -16.41
CA GLU A 29 -7.98 17.53 -17.86
C GLU A 29 -7.37 16.34 -18.60
N PHE A 30 -6.41 15.65 -17.98
CA PHE A 30 -5.80 14.47 -18.66
C PHE A 30 -6.67 13.23 -18.48
N GLY A 31 -7.29 13.09 -17.34
CA GLY A 31 -8.01 11.85 -17.04
C GLY A 31 -9.52 11.86 -17.14
N ALA A 32 -10.14 13.02 -16.96
CA ALA A 32 -11.60 13.04 -16.85
C ALA A 32 -12.33 14.17 -17.60
N GLY A 33 -11.59 15.09 -18.20
CA GLY A 33 -12.17 16.25 -18.85
C GLY A 33 -13.34 16.03 -19.77
N PRO A 34 -13.23 15.09 -20.72
CA PRO A 34 -14.35 14.84 -21.58
C PRO A 34 -15.64 14.39 -20.89
N ALA A 35 -15.55 13.64 -19.79
CA ALA A 35 -16.72 13.27 -19.00
C ALA A 35 -17.29 14.44 -18.26
N VAL A 36 -16.40 15.28 -17.72
CA VAL A 36 -16.88 16.43 -16.98
C VAL A 36 -17.71 17.32 -17.92
N ALA A 37 -17.19 17.55 -19.12
CA ALA A 37 -17.83 18.40 -20.11
C ALA A 37 -19.19 17.88 -20.44
N GLN A 38 -19.28 16.57 -20.56
CA GLN A 38 -20.55 15.92 -20.88
C GLN A 38 -21.49 16.11 -19.68
N TRP A 39 -20.97 16.00 -18.47
CA TRP A 39 -21.84 16.12 -17.29
C TRP A 39 -22.42 17.54 -17.10
N THR A 40 -21.58 18.53 -17.28
CA THR A 40 -22.04 19.92 -17.11
C THR A 40 -22.96 20.28 -18.29
N ALA A 41 -22.69 19.78 -19.50
CA ALA A 41 -23.64 19.98 -20.62
C ALA A 41 -25.03 19.46 -20.30
N GLN A 42 -25.08 18.41 -19.51
CA GLN A 42 -26.35 17.86 -19.09
C GLN A 42 -26.97 18.57 -17.90
N GLY A 43 -26.35 19.62 -17.38
CA GLY A 43 -26.90 20.37 -16.24
C GLY A 43 -26.42 19.90 -14.88
N ARG A 44 -25.50 18.94 -14.84
CA ARG A 44 -24.91 18.54 -13.57
C ARG A 44 -23.92 19.58 -13.07
N GLU A 45 -23.82 19.73 -11.75
CA GLU A 45 -22.92 20.70 -11.07
CA GLU A 45 -22.92 20.69 -11.13
C GLU A 45 -21.64 19.95 -10.71
N VAL A 46 -20.51 20.44 -11.17
CA VAL A 46 -19.22 19.85 -10.89
C VAL A 46 -18.32 20.89 -10.21
N ALA A 47 -17.64 20.49 -9.17
CA ALA A 47 -16.65 21.36 -8.51
C ALA A 47 -15.35 20.61 -8.42
N TYR A 48 -14.27 21.35 -8.31
CA TYR A 48 -12.93 20.75 -8.21
C TYR A 48 -12.25 21.12 -6.87
N LEU A 49 -11.54 20.17 -6.30
CA LEU A 49 -10.69 20.40 -5.15
CA LEU A 49 -10.67 20.41 -5.16
C LEU A 49 -9.29 19.92 -5.56
N LEU A 50 -8.29 20.80 -5.44
CA LEU A 50 -6.93 20.50 -5.79
C LEU A 50 -6.08 20.62 -4.55
N VAL A 51 -5.24 19.60 -4.28
CA VAL A 51 -4.45 19.61 -3.05
C VAL A 51 -3.28 20.59 -3.14
N THR A 52 -2.71 20.70 -4.34
CA THR A 52 -1.56 21.58 -4.58
C THR A 52 -1.83 22.36 -5.87
N ARG A 53 -0.97 23.34 -6.15
CA ARG A 53 -1.01 24.08 -7.41
C ARG A 53 -0.04 23.52 -8.46
N GLY A 54 0.51 22.31 -8.25
CA GLY A 54 1.42 21.76 -9.23
C GLY A 54 2.64 22.60 -9.53
N GLU A 55 3.08 23.29 -8.49
CA GLU A 55 4.13 24.30 -8.54
C GLU A 55 5.53 23.76 -8.77
N ALA A 56 5.70 22.42 -8.77
CA ALA A 56 6.97 21.79 -9.10
C ALA A 56 6.93 21.18 -10.51
N GLY A 57 5.92 21.49 -11.31
CA GLY A 57 5.66 20.77 -12.55
C GLY A 57 6.11 21.43 -13.83
N ILE A 58 6.77 22.58 -13.74
CA ILE A 58 7.24 23.27 -14.95
C ILE A 58 8.71 23.56 -14.77
N SER A 59 9.54 22.93 -15.59
CA SER A 59 10.98 22.98 -15.33
CA SER A 59 10.99 22.99 -15.36
C SER A 59 11.59 24.42 -15.40
N ASP A 60 11.02 25.31 -16.20
CA ASP A 60 11.60 26.65 -16.27
C ASP A 60 10.90 27.74 -15.44
N LEU A 61 9.97 27.38 -14.57
CA LEU A 61 9.42 28.32 -13.59
C LEU A 61 9.61 27.79 -12.18
N GLU A 62 10.26 28.59 -11.35
CA GLU A 62 10.40 28.28 -9.92
C GLU A 62 9.06 28.22 -9.23
N PRO A 63 8.93 27.41 -8.17
CA PRO A 63 7.57 27.15 -7.63
C PRO A 63 6.86 28.42 -7.13
N ALA A 64 7.58 29.39 -6.59
CA ALA A 64 6.93 30.65 -6.13
C ALA A 64 6.16 31.34 -7.29
N GLN A 65 6.72 31.27 -8.47
CA GLN A 65 6.12 31.86 -9.67
C GLN A 65 5.18 30.87 -10.31
N CYS A 66 5.56 29.60 -10.25
CA CYS A 66 4.76 28.58 -10.93
C CYS A 66 3.35 28.36 -10.41
N GLY A 67 3.21 28.28 -9.11
CA GLY A 67 1.92 28.07 -8.45
C GLY A 67 0.83 28.99 -8.90
N PRO A 68 1.09 30.30 -8.85
CA PRO A 68 0.08 31.25 -9.33
C PRO A 68 -0.24 31.13 -10.81
N VAL A 69 0.76 30.86 -11.64
CA VAL A 69 0.50 30.62 -13.04
C VAL A 69 -0.40 29.41 -13.26
N ARG A 70 -0.14 28.34 -12.52
CA ARG A 70 -0.95 27.12 -12.74
C ARG A 70 -2.34 27.21 -12.10
N GLU A 71 -2.47 27.93 -11.00
CA GLU A 71 -3.80 28.19 -10.44
C GLU A 71 -4.68 28.86 -11.50
N ALA A 72 -4.16 29.91 -12.13
CA ALA A 72 -4.88 30.63 -13.21
C ALA A 72 -5.14 29.69 -14.38
N GLU A 73 -4.15 28.92 -14.80
CA GLU A 73 -4.44 27.96 -15.87
C GLU A 73 -5.54 26.99 -15.48
N GLN A 74 -5.56 26.50 -14.23
CA GLN A 74 -6.54 25.52 -13.85
C GLN A 74 -7.95 26.14 -13.83
N ARG A 75 -8.04 27.38 -13.40
CA ARG A 75 -9.33 28.04 -13.28
C ARG A 75 -9.95 28.31 -14.66
N LYS A 76 -9.09 28.62 -15.60
CA LYS A 76 -9.50 28.78 -16.99
CA LYS A 76 -9.47 28.76 -17.01
C LYS A 76 -9.89 27.43 -17.61
N ALA A 77 -9.16 26.35 -17.28
CA ALA A 77 -9.46 25.06 -17.82
C ALA A 77 -10.84 24.69 -17.35
N ALA A 78 -11.12 24.91 -16.08
CA ALA A 78 -12.39 24.58 -15.47
C ALA A 78 -13.51 25.34 -16.19
N ALA A 79 -13.29 26.61 -16.43
CA ALA A 79 -14.30 27.49 -17.08
C ALA A 79 -14.66 26.98 -18.46
N GLU A 80 -13.70 26.42 -19.19
CA GLU A 80 -14.02 25.81 -20.49
C GLU A 80 -14.98 24.63 -20.40
N LEU A 81 -15.11 24.02 -19.23
CA LEU A 81 -16.04 22.89 -19.04
C LEU A 81 -17.25 23.31 -18.21
N GLY A 82 -17.37 24.61 -17.95
CA GLY A 82 -18.45 25.15 -17.13
C GLY A 82 -18.36 24.77 -15.66
N VAL A 83 -17.14 24.59 -15.18
CA VAL A 83 -16.89 24.31 -13.77
C VAL A 83 -16.49 25.68 -13.19
N HIS A 84 -17.24 26.13 -12.20
CA HIS A 84 -17.07 27.43 -11.59
C HIS A 84 -16.48 27.38 -10.20
N GLU A 85 -16.65 26.27 -9.49
CA GLU A 85 -16.11 26.15 -8.15
C GLU A 85 -14.84 25.38 -8.23
N VAL A 86 -13.74 26.06 -7.93
CA VAL A 86 -12.41 25.48 -7.95
C VAL A 86 -11.73 25.95 -6.70
N ASP A 87 -11.41 24.99 -5.84
CA ASP A 87 -10.72 25.32 -4.62
C ASP A 87 -9.38 24.64 -4.49
N PHE A 88 -8.41 25.33 -3.89
CA PHE A 88 -7.10 24.74 -3.62
C PHE A 88 -6.85 24.64 -2.13
N LEU A 89 -6.26 23.55 -1.69
CA LEU A 89 -5.86 23.49 -0.31
C LEU A 89 -4.59 24.36 -0.10
N ASP A 90 -4.35 24.69 1.16
CA ASP A 90 -3.16 25.38 1.59
C ASP A 90 -2.20 24.43 2.30
N HIS A 91 -0.93 24.72 2.19
CA HIS A 91 0.12 24.09 3.03
C HIS A 91 0.50 22.65 2.59
N TYR A 92 0.12 22.20 1.42
CA TYR A 92 0.71 20.99 0.87
C TYR A 92 1.72 21.40 -0.17
N ASN A 93 2.75 20.58 -0.38
CA ASN A 93 3.81 20.87 -1.36
C ASN A 93 3.76 19.89 -2.47
N ASP A 94 3.70 20.43 -3.69
CA ASP A 94 3.76 19.66 -4.89
C ASP A 94 4.97 18.77 -4.85
N GLY A 95 4.72 17.47 -5.07
CA GLY A 95 5.77 16.46 -5.06
C GLY A 95 5.89 15.64 -3.78
N THR A 96 5.49 16.21 -2.63
CA THR A 96 5.64 15.55 -1.35
C THR A 96 4.39 15.59 -0.50
N ILE A 97 3.25 15.41 -1.13
CA ILE A 97 2.03 15.26 -0.39
C ILE A 97 2.12 13.97 0.46
N GLU A 98 1.80 14.06 1.73
CA GLU A 98 1.78 12.87 2.61
C GLU A 98 0.38 12.37 2.96
N TYR A 99 0.17 11.06 2.81
CA TYR A 99 -1.10 10.46 3.09
C TYR A 99 -1.21 10.40 4.58
N GLY A 100 -2.37 10.74 5.14
CA GLY A 100 -2.61 10.59 6.56
C GLY A 100 -3.95 11.19 6.92
N PRO A 101 -4.33 11.12 8.23
CA PRO A 101 -5.55 11.71 8.74
C PRO A 101 -5.68 13.22 8.48
N GLY A 102 -4.57 13.97 8.51
CA GLY A 102 -4.62 15.41 8.18
C GLY A 102 -5.19 15.64 6.76
N LEU A 103 -4.67 14.91 5.77
CA LEU A 103 -5.20 15.01 4.38
C LEU A 103 -6.67 14.48 4.27
N ARG A 104 -6.94 13.39 4.96
CA ARG A 104 -8.29 12.86 5.00
C ARG A 104 -9.30 13.89 5.54
N ARG A 105 -8.91 14.57 6.61
CA ARG A 105 -9.75 15.58 7.20
C ARG A 105 -10.05 16.71 6.24
N ASP A 106 -9.03 17.19 5.51
CA ASP A 106 -9.23 18.30 4.56
C ASP A 106 -10.16 17.87 3.45
N LEU A 107 -10.07 16.60 3.07
CA LEU A 107 -10.95 16.10 2.00
C LEU A 107 -12.37 15.91 2.45
N ALA A 108 -12.55 15.31 3.63
CA ALA A 108 -13.87 15.16 4.23
C ALA A 108 -14.54 16.54 4.44
N ARG A 109 -13.75 17.55 4.79
CA ARG A 109 -14.32 18.91 4.89
C ARG A 109 -14.95 19.28 3.58
N ALA A 110 -14.20 19.19 2.49
CA ALA A 110 -14.72 19.54 1.17
C ALA A 110 -15.89 18.67 0.77
N VAL A 111 -15.85 17.38 1.10
CA VAL A 111 -16.99 16.54 0.78
C VAL A 111 -18.25 17.04 1.52
N ARG A 112 -18.12 17.32 2.82
CA ARG A 112 -19.27 17.85 3.58
C ARG A 112 -19.80 19.22 3.06
N ARG A 113 -18.91 20.08 2.60
CA ARG A 113 -19.27 21.38 2.04
C ARG A 113 -20.04 21.22 0.73
N HIS A 114 -19.61 20.30 -0.13
CA HIS A 114 -20.17 20.17 -1.47
C HIS A 114 -21.32 19.19 -1.61
N ARG A 115 -21.39 18.21 -0.73
CA ARG A 115 -22.43 17.23 -0.75
C ARG A 115 -22.54 16.52 -2.11
N PRO A 116 -21.41 16.03 -2.63
CA PRO A 116 -21.42 15.38 -3.92
C PRO A 116 -22.10 14.03 -3.83
N GLU A 117 -22.82 13.68 -4.88
CA GLU A 117 -23.35 12.35 -5.05
C GLU A 117 -22.29 11.43 -5.72
N LEU A 118 -21.42 12.03 -6.52
CA LEU A 118 -20.30 11.34 -7.19
C LEU A 118 -19.00 12.06 -6.86
N ILE A 119 -18.02 11.31 -6.38
CA ILE A 119 -16.64 11.82 -6.25
C ILE A 119 -15.77 11.23 -7.37
N VAL A 120 -15.00 12.09 -8.01
CA VAL A 120 -14.05 11.69 -9.01
C VAL A 120 -12.66 11.89 -8.48
N THR A 121 -11.87 10.86 -8.62
CA THR A 121 -10.48 10.88 -8.21
C THR A 121 -9.64 10.49 -9.41
N PHE A 122 -8.33 10.62 -9.23
CA PHE A 122 -7.34 10.25 -10.19
C PHE A 122 -6.62 9.02 -9.63
N ASN A 123 -6.31 8.10 -10.52
CA ASN A 123 -5.60 6.85 -10.23
C ASN A 123 -4.61 6.86 -9.06
N HIS A 124 -4.89 6.05 -8.06
CA HIS A 124 -4.05 5.97 -6.87
C HIS A 124 -3.20 4.70 -6.89
N HIS A 125 -3.34 3.89 -7.96
CA HIS A 125 -2.64 2.62 -8.04
C HIS A 125 -1.16 2.88 -8.27
N ASP A 126 -0.37 1.85 -7.98
CA ASP A 126 1.10 1.84 -8.17
C ASP A 126 1.56 2.16 -9.59
N THR A 127 0.74 1.80 -10.60
CA THR A 127 1.10 2.07 -11.98
C THR A 127 0.05 2.85 -12.73
N TRP A 128 0.51 3.66 -13.70
CA TRP A 128 -0.36 4.47 -14.55
C TRP A 128 -1.10 3.47 -15.44
N ALA A 129 -2.18 3.92 -16.07
CA ALA A 129 -2.88 3.11 -17.10
C ALA A 129 -1.88 2.54 -18.13
N SER A 130 -0.89 3.33 -18.54
CA SER A 130 0.20 2.84 -19.41
C SER A 130 1.15 1.73 -18.90
N GLY A 131 1.18 1.38 -17.62
CA GLY A 131 2.24 0.45 -17.08
C GLY A 131 3.40 1.15 -16.33
N ALA A 132 3.56 2.44 -16.57
CA ALA A 132 4.62 3.23 -15.91
C ALA A 132 4.40 3.42 -14.39
N TRP A 133 5.46 3.66 -13.65
CA TRP A 133 5.36 3.88 -12.22
C TRP A 133 4.63 5.19 -11.87
N ASN A 134 3.63 5.11 -10.99
CA ASN A 134 2.79 6.25 -10.68
C ASN A 134 3.51 7.10 -9.61
N THR A 135 3.00 8.27 -9.30
CA THR A 135 3.72 9.18 -8.36
C THR A 135 3.17 9.03 -6.96
N PRO A 136 4.02 9.24 -5.92
CA PRO A 136 3.50 9.22 -4.56
C PRO A 136 2.39 10.28 -4.29
N ASP A 137 2.43 11.44 -4.96
CA ASP A 137 1.31 12.42 -4.87
C ASP A 137 -0.03 11.82 -5.31
N HIS A 138 -0.03 11.14 -6.42
CA HIS A 138 -1.25 10.54 -6.87
C HIS A 138 -1.70 9.38 -5.95
N ARG A 139 -0.75 8.55 -5.51
CA ARG A 139 -1.12 7.50 -4.61
C ARG A 139 -1.77 8.04 -3.35
N ALA A 140 -1.14 9.06 -2.76
CA ALA A 140 -1.64 9.66 -1.52
C ALA A 140 -2.99 10.34 -1.59
N VAL A 141 -3.23 11.15 -2.62
CA VAL A 141 -4.48 11.91 -2.72
C VAL A 141 -5.62 10.96 -3.08
N GLY A 142 -5.37 10.03 -3.98
CA GLY A 142 -6.46 9.10 -4.39
C GLY A 142 -6.91 8.21 -3.25
N LEU A 143 -5.96 7.68 -2.48
CA LEU A 143 -6.21 6.88 -1.29
C LEU A 143 -6.98 7.64 -0.23
N ALA A 144 -6.52 8.85 0.04
CA ALA A 144 -7.17 9.68 1.04
C ALA A 144 -8.59 10.06 0.66
N ALA A 145 -8.83 10.31 -0.62
CA ALA A 145 -10.13 10.67 -1.11
C ALA A 145 -11.07 9.46 -0.99
N LEU A 146 -10.57 8.27 -1.29
CA LEU A 146 -11.40 7.06 -1.16
C LEU A 146 -11.78 6.86 0.30
N ASP A 147 -10.82 7.01 1.20
CA ASP A 147 -11.01 6.96 2.67
C ASP A 147 -11.97 8.04 3.18
N ALA A 148 -11.87 9.21 2.59
CA ALA A 148 -12.67 10.35 3.01
C ALA A 148 -14.16 10.16 2.85
N VAL A 149 -14.61 9.28 1.95
CA VAL A 149 -16.04 9.02 1.82
C VAL A 149 -16.70 8.61 3.15
N ALA A 150 -16.12 7.63 3.83
CA ALA A 150 -16.63 7.17 5.10
C ALA A 150 -16.40 8.18 6.19
N ASP A 151 -15.27 8.87 6.13
CA ASP A 151 -14.96 9.87 7.14
C ASP A 151 -16.01 10.99 7.07
N ALA A 152 -16.31 11.47 5.87
CA ALA A 152 -17.27 12.53 5.67
C ALA A 152 -18.66 12.16 6.20
N ALA A 153 -19.00 10.88 6.07
CA ALA A 153 -20.28 10.32 6.51
C ALA A 153 -20.40 10.03 8.01
N ASN A 154 -19.29 10.03 8.76
CA ASN A 154 -19.30 9.66 10.13
C ASN A 154 -19.21 10.86 11.03
N ARG A 155 -20.18 11.00 11.92
CA ARG A 155 -20.29 12.19 12.79
C ARG A 155 -19.11 12.36 13.76
N TRP A 156 -18.48 11.24 14.14
CA TRP A 156 -17.54 11.23 15.23
C TRP A 156 -16.12 11.23 14.79
N ILE A 157 -15.89 10.98 13.51
CA ILE A 157 -14.54 11.06 12.99
C ILE A 157 -14.41 12.54 12.53
N PHE A 158 -13.33 13.15 12.95
CA PHE A 158 -13.07 14.57 12.75
C PHE A 158 -14.20 15.39 13.36
N PRO A 159 -14.33 15.31 14.67
CA PRO A 159 -15.43 16.00 15.33
C PRO A 159 -15.34 17.53 15.17
N GLU A 160 -14.15 18.04 14.87
CA GLU A 160 -13.96 19.49 14.65
C GLU A 160 -14.73 20.00 13.45
N LEU A 161 -15.02 19.13 12.48
CA LEU A 161 -15.88 19.47 11.35
C LEU A 161 -17.31 19.85 11.78
N LEU A 162 -17.86 19.18 12.78
CA LEU A 162 -19.17 19.57 13.28
C LEU A 162 -19.12 20.96 13.90
N ASP A 163 -18.10 21.21 14.73
CA ASP A 163 -17.89 22.57 15.27
C ASP A 163 -17.88 23.62 14.16
N GLU A 164 -17.53 23.23 12.95
CA GLU A 164 -17.55 24.13 11.80
C GLU A 164 -18.92 24.23 11.13
N GLY A 165 -19.93 23.54 11.65
CA GLY A 165 -21.28 23.53 11.06
C GLY A 165 -21.42 22.60 9.87
N LEU A 166 -20.50 21.64 9.71
CA LEU A 166 -20.51 20.73 8.58
C LEU A 166 -21.11 19.42 9.00
N GLU A 167 -22.37 19.22 8.65
CA GLU A 167 -23.07 17.98 8.89
C GLU A 167 -22.44 16.83 8.07
N PRO A 168 -22.54 15.61 8.61
CA PRO A 168 -22.11 14.39 7.92
C PRO A 168 -22.79 14.28 6.59
N TRP A 169 -22.08 13.75 5.61
CA TRP A 169 -22.62 13.53 4.29
C TRP A 169 -22.03 12.27 3.69
N ARG A 170 -22.86 11.46 3.06
CA ARG A 170 -22.43 10.22 2.45
C ARG A 170 -22.55 10.31 0.93
N ALA A 171 -21.41 10.47 0.27
CA ALA A 171 -21.35 10.42 -1.18
C ALA A 171 -21.72 9.02 -1.65
N GLY A 172 -22.39 8.91 -2.77
CA GLY A 172 -22.87 7.62 -3.25
C GLY A 172 -21.83 6.72 -3.91
N LYS A 173 -20.89 7.28 -4.65
CA LYS A 173 -19.95 6.49 -5.47
C LYS A 173 -18.67 7.26 -5.69
N VAL A 174 -17.55 6.55 -5.90
CA VAL A 174 -16.30 7.17 -6.31
C VAL A 174 -15.94 6.58 -7.64
N ALA A 175 -15.61 7.47 -8.56
CA ALA A 175 -15.11 7.08 -9.87
C ALA A 175 -13.66 7.49 -10.02
N ILE A 176 -12.81 6.49 -10.21
CA ILE A 176 -11.37 6.71 -10.40
C ILE A 176 -10.99 6.82 -11.87
N ALA A 177 -10.53 8.00 -12.28
CA ALA A 177 -10.03 8.24 -13.63
C ALA A 177 -8.61 7.77 -13.83
N GLY A 178 -8.32 7.34 -15.05
CA GLY A 178 -6.98 6.82 -15.43
C GLY A 178 -6.50 5.57 -14.69
N SER A 179 -7.44 4.73 -14.28
CA SER A 179 -7.18 3.54 -13.56
C SER A 179 -6.88 2.41 -14.54
N PRO A 180 -5.87 1.59 -14.21
CA PRO A 180 -5.58 0.44 -15.06
C PRO A 180 -6.54 -0.71 -14.81
N HIS A 181 -7.47 -0.54 -13.87
CA HIS A 181 -8.54 -1.50 -13.63
C HIS A 181 -9.94 -0.87 -13.78
N ALA A 182 -10.18 -0.23 -14.91
CA ALA A 182 -11.46 0.48 -15.13
C ALA A 182 -12.61 -0.51 -15.24
N THR A 183 -13.83 -0.10 -14.86
CA THR A 183 -15.03 -0.94 -14.86
C THR A 183 -16.21 -0.31 -15.65
N HIS A 184 -16.19 1.02 -15.77
CA HIS A 184 -17.24 1.79 -16.43
C HIS A 184 -16.68 2.82 -17.37
N ALA A 185 -17.56 3.43 -18.17
CA ALA A 185 -17.15 4.53 -19.00
C ALA A 185 -18.29 5.49 -19.24
N VAL A 186 -17.91 6.71 -19.62
CA VAL A 186 -18.83 7.72 -20.01
C VAL A 186 -18.62 8.01 -21.45
N ALA A 187 -19.69 7.88 -22.24
CA ALA A 187 -19.69 8.26 -23.65
C ALA A 187 -19.64 9.78 -23.74
N VAL A 188 -18.87 10.25 -24.70
CA VAL A 188 -18.57 11.65 -24.92
C VAL A 188 -18.95 12.08 -26.36
N ASP A 189 -19.86 13.02 -26.49
CA ASP A 189 -20.17 13.58 -27.79
C ASP A 189 -19.12 14.60 -28.30
N ASP A 190 -19.24 14.99 -29.55
CA ASP A 190 -18.26 15.86 -30.18
C ASP A 190 -18.11 17.25 -29.52
N ASP A 191 -19.20 17.85 -29.09
CA ASP A 191 -19.14 19.15 -28.46
C ASP A 191 -18.38 19.00 -27.13
N SER A 192 -18.62 17.89 -26.41
CA SER A 192 -17.88 17.64 -25.16
C SER A 192 -16.39 17.39 -25.36
N ARG A 193 -16.04 16.67 -26.43
CA ARG A 193 -14.66 16.48 -26.80
CA ARG A 193 -14.65 16.49 -26.81
C ARG A 193 -14.00 17.85 -27.07
N ASP A 194 -14.70 18.72 -27.80
CA ASP A 194 -14.20 20.05 -28.10
C ASP A 194 -13.92 20.86 -26.83
N ARG A 195 -14.91 20.94 -25.94
CA ARG A 195 -14.69 21.63 -24.66
C ARG A 195 -13.48 21.04 -23.90
N ALA A 196 -13.35 19.72 -23.91
CA ALA A 196 -12.26 19.07 -23.15
C ALA A 196 -10.89 19.38 -23.76
N VAL A 197 -10.86 19.52 -25.08
CA VAL A 197 -9.61 19.89 -25.75
C VAL A 197 -9.23 21.31 -25.36
N ARG A 198 -10.22 22.19 -25.35
CA ARG A 198 -9.96 23.57 -24.94
C ARG A 198 -9.52 23.63 -23.46
N SER A 199 -10.13 22.81 -22.62
CA SER A 199 -9.78 22.73 -21.19
C SER A 199 -8.30 22.32 -21.00
N LEU A 200 -7.91 21.24 -21.65
CA LEU A 200 -6.51 20.79 -21.51
C LEU A 200 -5.55 21.83 -22.09
N ALA A 201 -5.94 22.45 -23.19
CA ALA A 201 -5.07 23.42 -23.86
C ALA A 201 -4.84 24.67 -23.00
N ALA A 202 -5.78 24.95 -22.10
CA ALA A 202 -5.60 26.09 -21.18
C ALA A 202 -4.38 25.93 -20.28
N HIS A 203 -3.86 24.71 -20.10
CA HIS A 203 -2.59 24.53 -19.37
C HIS A 203 -1.44 24.82 -20.29
N ASP A 204 -1.39 26.07 -20.70
CA ASP A 204 -0.55 26.54 -21.79
C ASP A 204 0.92 26.43 -21.47
N ARG A 205 1.32 26.99 -20.34
CA ARG A 205 2.72 26.94 -19.93
C ARG A 205 3.16 25.53 -19.55
N TYR A 206 2.26 24.79 -18.93
CA TYR A 206 2.58 23.42 -18.58
C TYR A 206 2.90 22.61 -19.88
N LEU A 207 1.96 22.61 -20.81
CA LEU A 207 2.12 21.81 -22.05
C LEU A 207 3.25 22.37 -22.93
N GLY A 208 3.37 23.71 -22.97
CA GLY A 208 4.48 24.36 -23.64
C GLY A 208 5.87 23.98 -23.12
N SER A 209 5.97 23.59 -21.84
CA SER A 209 7.23 23.10 -21.29
C SER A 209 7.57 21.66 -21.70
N LEU A 210 6.60 20.93 -22.24
CA LEU A 210 6.82 19.53 -22.59
C LEU A 210 7.00 19.29 -24.07
N SER A 211 6.78 20.30 -24.91
CA SER A 211 7.07 20.16 -26.33
C SER A 211 6.85 21.48 -27.05
N ASP A 212 7.29 21.55 -28.30
CA ASP A 212 7.18 22.78 -29.10
C ASP A 212 5.92 22.88 -29.94
N ASP A 213 5.10 21.84 -29.95
CA ASP A 213 3.83 21.88 -30.69
C ASP A 213 2.92 22.87 -29.98
N PRO A 214 2.00 23.51 -30.72
CA PRO A 214 1.02 24.32 -30.00
C PRO A 214 0.24 23.50 -28.97
N PRO A 215 -0.12 24.13 -27.83
CA PRO A 215 -0.80 23.36 -26.80
C PRO A 215 -2.12 22.74 -27.27
N GLN A 216 -2.92 23.45 -28.06
CA GLN A 216 -4.21 22.85 -28.49
C GLN A 216 -4.06 21.62 -29.40
N GLU A 217 -3.00 21.59 -30.19
CA GLU A 217 -2.67 20.46 -31.05
C GLU A 217 -2.30 19.26 -30.18
N ARG A 218 -1.46 19.52 -29.21
CA ARG A 218 -1.05 18.52 -28.22
C ARG A 218 -2.28 17.98 -27.49
N ALA A 219 -3.13 18.89 -27.02
CA ALA A 219 -4.37 18.52 -26.35
C ALA A 219 -5.25 17.60 -27.21
N ARG A 220 -5.46 17.97 -28.46
CA ARG A 220 -6.27 17.19 -29.42
C ARG A 220 -5.70 15.81 -29.56
N PHE A 221 -4.38 15.71 -29.69
CA PHE A 221 -3.71 14.38 -29.78
C PHE A 221 -3.93 13.51 -28.53
N ILE A 222 -3.68 14.09 -27.37
CA ILE A 222 -3.72 13.37 -26.10
C ILE A 222 -5.13 12.89 -25.81
N LEU A 223 -6.11 13.74 -26.05
CA LEU A 223 -7.47 13.34 -25.75
C LEU A 223 -8.00 12.40 -26.82
N GLY A 224 -7.62 12.61 -28.07
CA GLY A 224 -8.01 11.70 -29.12
C GLY A 224 -7.56 10.30 -28.76
N HIS A 225 -6.35 10.20 -28.22
CA HIS A 225 -5.85 8.90 -27.79
C HIS A 225 -6.59 8.29 -26.59
N LEU A 226 -6.85 9.11 -25.57
CA LEU A 226 -7.59 8.69 -24.41
C LEU A 226 -8.98 8.15 -24.80
N LEU A 227 -9.69 8.89 -25.63
CA LEU A 227 -11.02 8.47 -26.05
C LEU A 227 -11.03 7.18 -26.88
N ALA A 228 -10.04 7.03 -27.74
CA ALA A 228 -9.93 5.89 -28.62
C ALA A 228 -9.50 4.64 -27.88
N ALA A 229 -8.64 4.79 -26.85
CA ALA A 229 -8.26 3.65 -26.04
C ALA A 229 -9.45 3.01 -25.32
N THR A 230 -10.48 3.77 -25.01
CA THR A 230 -11.68 3.23 -24.39
C THR A 230 -12.58 2.46 -25.37
N ALA A 231 -12.50 2.82 -26.65
CA ALA A 231 -13.47 2.35 -27.64
C ALA A 231 -13.53 0.86 -27.76
N PRO A 232 -12.37 0.16 -27.85
CA PRO A 232 -12.40 -1.31 -27.98
C PRO A 232 -13.11 -2.01 -26.85
N ARG A 233 -13.19 -1.37 -25.69
CA ARG A 233 -13.80 -2.01 -24.54
C ARG A 233 -15.14 -1.42 -24.18
N PHE A 234 -15.69 -0.59 -25.05
CA PHE A 234 -16.94 0.11 -24.77
C PHE A 234 -17.87 0.07 -25.98
N GLY A 235 -17.86 -1.06 -26.70
CA GLY A 235 -18.72 -1.24 -27.87
C GLY A 235 -18.37 -0.32 -29.03
N GLY A 236 -17.10 0.09 -29.12
CA GLY A 236 -16.62 1.02 -30.15
C GLY A 236 -17.00 2.48 -29.91
N ARG A 237 -17.63 2.80 -28.77
CA ARG A 237 -17.94 4.19 -28.47
C ARG A 237 -16.69 4.79 -27.84
N ASP A 238 -16.34 5.98 -28.27
CA ASP A 238 -15.28 6.73 -27.63
C ASP A 238 -15.82 7.23 -26.28
N GLY A 239 -14.92 7.33 -25.30
CA GLY A 239 -15.36 7.67 -23.96
C GLY A 239 -14.21 7.72 -22.98
N VAL A 240 -14.55 8.08 -21.75
CA VAL A 240 -13.60 8.12 -20.65
C VAL A 240 -13.93 7.01 -19.69
N ALA A 241 -12.89 6.25 -19.37
CA ALA A 241 -13.04 5.06 -18.54
C ALA A 241 -12.80 5.39 -17.11
N PHE A 242 -13.52 4.69 -16.22
CA PHE A 242 -13.40 4.87 -14.79
C PHE A 242 -13.47 3.58 -14.07
N GLN A 243 -12.71 3.50 -12.99
CA GLN A 243 -12.92 2.43 -12.04
C GLN A 243 -13.90 2.91 -10.96
N ILE A 244 -15.00 2.20 -10.77
CA ILE A 244 -15.99 2.63 -9.83
C ILE A 244 -15.80 1.91 -8.52
N VAL A 245 -15.72 2.69 -7.44
CA VAL A 245 -15.72 2.18 -6.10
C VAL A 245 -17.01 2.54 -5.38
N GLY A 246 -17.79 1.53 -5.02
CA GLY A 246 -19.07 1.70 -4.32
C GLY A 246 -20.28 1.48 -5.23
N ALA B 5 2.70 -18.25 -16.18
CA ALA B 5 3.95 -17.44 -16.05
C ALA B 5 4.60 -17.24 -17.42
N ASP B 6 4.86 -16.00 -17.77
CA ASP B 6 5.52 -15.72 -19.02
C ASP B 6 6.99 -16.14 -18.93
N THR B 7 7.58 -16.38 -20.10
CA THR B 7 9.01 -16.50 -20.19
C THR B 7 9.58 -15.15 -19.80
N LEU B 8 10.76 -15.19 -19.19
CA LEU B 8 11.42 -13.97 -18.80
C LEU B 8 12.23 -13.52 -20.00
N LEU B 9 12.21 -12.22 -20.24
CA LEU B 9 12.97 -11.58 -21.29
C LEU B 9 14.38 -11.34 -20.80
N GLU B 10 15.36 -11.42 -21.69
CA GLU B 10 16.73 -11.09 -21.30
C GLU B 10 16.79 -9.57 -21.01
N LEU B 11 17.43 -9.19 -19.91
CA LEU B 11 17.57 -7.77 -19.62
C LEU B 11 18.44 -7.10 -20.69
N PRO B 12 17.97 -6.00 -21.28
CA PRO B 12 18.79 -5.34 -22.34
C PRO B 12 20.21 -4.88 -21.90
N ASP B 13 21.22 -5.07 -22.74
CA ASP B 13 22.59 -4.65 -22.39
C ASP B 13 22.83 -3.19 -22.82
N ASP B 14 22.08 -2.26 -22.24
CA ASP B 14 22.21 -0.87 -22.69
C ASP B 14 22.61 0.09 -21.57
N PHE B 15 23.52 -0.32 -20.70
CA PHE B 15 23.88 0.50 -19.55
C PHE B 15 25.31 0.27 -19.12
N SER B 16 25.96 1.31 -18.60
CA SER B 16 27.31 1.20 -18.08
C SER B 16 27.39 1.45 -16.58
N ARG B 17 26.42 2.16 -16.00
CA ARG B 17 26.49 2.49 -14.57
C ARG B 17 25.27 1.96 -13.84
N VAL B 18 25.50 1.25 -12.75
CA VAL B 18 24.45 0.67 -11.92
C VAL B 18 24.54 1.12 -10.47
N LEU B 19 23.40 1.44 -9.91
CA LEU B 19 23.33 1.74 -8.51
C LEU B 19 22.31 0.82 -7.87
N ALA B 20 22.78 0.01 -6.91
CA ALA B 20 21.90 -0.84 -6.13
C ALA B 20 21.56 -0.12 -4.85
N ILE B 21 20.27 0.02 -4.57
CA ILE B 21 19.77 0.67 -3.36
C ILE B 21 19.00 -0.36 -2.55
N VAL B 22 19.48 -0.67 -1.34
CA VAL B 22 18.86 -1.65 -0.50
C VAL B 22 18.81 -1.22 0.96
N ALA B 23 17.93 -1.88 1.72
CA ALA B 23 17.75 -1.61 3.14
C ALA B 23 18.90 -2.08 4.00
N HIS B 24 19.42 -3.28 3.69
CA HIS B 24 20.33 -4.01 4.60
C HIS B 24 21.44 -4.71 3.81
N PRO B 25 22.61 -4.83 4.43
CA PRO B 25 23.59 -5.77 3.94
C PRO B 25 22.92 -7.12 3.74
N ASP B 26 23.33 -7.78 2.67
CA ASP B 26 22.86 -9.14 2.32
C ASP B 26 21.72 -9.07 1.31
N ASP B 27 20.95 -7.97 1.32
CA ASP B 27 19.87 -7.86 0.35
C ASP B 27 20.42 -8.07 -1.08
N ILE B 28 21.50 -7.34 -1.37
CA ILE B 28 22.11 -7.37 -2.68
C ILE B 28 22.64 -8.75 -3.00
N GLU B 29 23.34 -9.37 -2.05
CA GLU B 29 23.95 -10.66 -2.27
C GLU B 29 22.90 -11.76 -2.47
N PHE B 30 21.85 -11.77 -1.67
CA PHE B 30 20.72 -12.71 -1.82
C PHE B 30 19.90 -12.48 -3.08
N GLY B 31 19.69 -11.24 -3.45
CA GLY B 31 18.76 -10.91 -4.48
C GLY B 31 19.40 -10.90 -5.86
N ALA B 32 20.65 -10.52 -5.91
CA ALA B 32 21.25 -10.11 -7.18
C ALA B 32 22.76 -10.29 -7.30
N GLY B 33 23.41 -10.94 -6.34
CA GLY B 33 24.85 -11.07 -6.35
C GLY B 33 25.41 -11.64 -7.66
N PRO B 34 24.80 -12.71 -8.19
CA PRO B 34 25.35 -13.24 -9.40
C PRO B 34 25.20 -12.31 -10.61
N ALA B 35 24.16 -11.48 -10.67
CA ALA B 35 24.03 -10.48 -11.70
C ALA B 35 25.10 -9.41 -11.52
N VAL B 36 25.35 -9.02 -10.28
CA VAL B 36 26.36 -7.98 -10.03
C VAL B 36 27.75 -8.48 -10.48
N ALA B 37 28.09 -9.71 -10.12
CA ALA B 37 29.37 -10.32 -10.53
C ALA B 37 29.45 -10.36 -12.06
N GLN B 38 28.33 -10.66 -12.72
CA GLN B 38 28.32 -10.72 -14.20
C GLN B 38 28.57 -9.30 -14.81
N TRP B 39 27.87 -8.31 -14.27
CA TRP B 39 28.05 -6.90 -14.64
C TRP B 39 29.49 -6.41 -14.45
N THR B 40 30.08 -6.63 -13.27
CA THR B 40 31.45 -6.19 -13.04
C THR B 40 32.43 -6.93 -13.89
N ALA B 41 32.22 -8.20 -14.17
CA ALA B 41 33.09 -8.95 -15.09
C ALA B 41 33.07 -8.30 -16.48
N GLN B 42 31.92 -7.74 -16.86
CA GLN B 42 31.75 -7.09 -18.15
C GLN B 42 32.07 -5.62 -18.14
N GLY B 43 32.76 -5.20 -17.10
CA GLY B 43 33.26 -3.85 -17.02
C GLY B 43 32.19 -2.82 -16.74
N ARG B 44 31.03 -3.23 -16.24
CA ARG B 44 30.06 -2.18 -15.83
C ARG B 44 30.51 -1.58 -14.48
N GLU B 45 30.14 -0.32 -14.21
CA GLU B 45 30.48 0.35 -12.93
C GLU B 45 29.28 0.13 -12.02
N VAL B 46 29.48 -0.60 -10.92
CA VAL B 46 28.42 -0.87 -9.95
C VAL B 46 28.77 -0.21 -8.59
N ALA B 47 27.81 0.50 -8.01
CA ALA B 47 27.92 1.08 -6.67
C ALA B 47 26.74 0.57 -5.86
N TYR B 48 26.96 0.42 -4.56
CA TYR B 48 25.91 0.06 -3.58
C TYR B 48 25.58 1.20 -2.66
N LEU B 49 24.29 1.38 -2.43
CA LEU B 49 23.83 2.30 -1.39
C LEU B 49 23.00 1.50 -0.41
N LEU B 50 23.42 1.52 0.86
CA LEU B 50 22.70 0.83 1.95
C LEU B 50 22.12 1.80 2.96
N VAL B 51 20.82 1.68 3.16
CA VAL B 51 20.12 2.60 4.05
C VAL B 51 20.49 2.33 5.51
N THR B 52 20.71 1.06 5.90
CA THR B 52 21.14 0.72 7.25
C THR B 52 22.29 -0.27 7.14
N ARG B 53 22.86 -0.62 8.28
CA ARG B 53 23.89 -1.65 8.34
C ARG B 53 23.33 -3.01 8.78
N GLY B 54 22.00 -3.17 8.77
CA GLY B 54 21.38 -4.45 9.14
C GLY B 54 21.75 -4.83 10.55
N GLU B 55 21.92 -3.81 11.40
CA GLU B 55 22.41 -3.94 12.75
C GLU B 55 21.46 -4.63 13.78
N ALA B 56 20.26 -5.03 13.32
CA ALA B 56 19.39 -5.82 14.13
C ALA B 56 19.25 -7.21 13.56
N GLY B 57 20.11 -7.54 12.59
CA GLY B 57 19.99 -8.77 11.86
C GLY B 57 20.76 -9.98 12.41
N ILE B 58 21.53 -9.83 13.48
CA ILE B 58 22.28 -10.97 14.02
C ILE B 58 21.87 -11.16 15.47
N SER B 59 21.21 -12.29 15.72
CA SER B 59 20.46 -12.45 16.98
C SER B 59 21.34 -12.45 18.27
N ASP B 60 22.65 -12.69 18.19
CA ASP B 60 23.49 -12.59 19.40
C ASP B 60 24.38 -11.34 19.47
N LEU B 61 24.22 -10.43 18.51
CA LEU B 61 24.92 -9.17 18.57
C LEU B 61 24.01 -7.96 18.68
N GLU B 62 24.21 -7.15 19.73
CA GLU B 62 23.44 -5.93 19.93
C GLU B 62 23.84 -4.97 18.78
N PRO B 63 22.92 -4.07 18.37
CA PRO B 63 23.14 -3.19 17.21
C PRO B 63 24.48 -2.43 17.24
N ALA B 64 24.92 -2.02 18.43
CA ALA B 64 26.23 -1.32 18.52
C ALA B 64 27.44 -2.21 18.15
N GLN B 65 27.34 -3.52 18.37
CA GLN B 65 28.37 -4.43 17.95
C GLN B 65 28.14 -4.85 16.50
N CYS B 66 26.88 -5.06 16.16
CA CYS B 66 26.52 -5.69 14.86
C CYS B 66 26.73 -4.73 13.69
N GLY B 67 26.34 -3.46 13.86
CA GLY B 67 26.58 -2.44 12.82
C GLY B 67 27.98 -2.51 12.18
N PRO B 68 29.06 -2.29 13.00
CA PRO B 68 30.44 -2.35 12.45
C PRO B 68 30.82 -3.71 11.80
N VAL B 69 30.37 -4.82 12.38
CA VAL B 69 30.69 -6.13 11.83
C VAL B 69 30.08 -6.22 10.44
N ARG B 70 28.82 -5.81 10.30
CA ARG B 70 28.14 -6.03 9.03
C ARG B 70 28.67 -5.06 7.96
N GLU B 71 29.03 -3.86 8.38
CA GLU B 71 29.69 -2.94 7.45
C GLU B 71 30.99 -3.54 6.85
N ALA B 72 31.86 -4.07 7.71
CA ALA B 72 33.09 -4.73 7.28
C ALA B 72 32.78 -5.94 6.41
N GLU B 73 31.73 -6.70 6.75
CA GLU B 73 31.34 -7.84 5.94
C GLU B 73 30.88 -7.36 4.57
N GLN B 74 30.14 -6.25 4.56
CA GLN B 74 29.58 -5.76 3.31
C GLN B 74 30.66 -5.22 2.39
N ARG B 75 31.69 -4.59 2.97
CA ARG B 75 32.84 -4.16 2.19
C ARG B 75 33.66 -5.35 1.68
N LYS B 76 33.96 -6.30 2.53
CA LYS B 76 34.52 -7.54 2.03
C LYS B 76 33.66 -8.21 0.88
N ALA B 77 32.34 -8.32 1.06
CA ALA B 77 31.47 -8.95 0.06
C ALA B 77 31.49 -8.21 -1.27
N ALA B 78 31.44 -6.88 -1.20
CA ALA B 78 31.50 -6.04 -2.38
C ALA B 78 32.83 -6.27 -3.09
N ALA B 79 33.94 -6.26 -2.36
CA ALA B 79 35.26 -6.49 -2.98
C ALA B 79 35.35 -7.81 -3.72
N GLU B 80 34.69 -8.86 -3.23
CA GLU B 80 34.69 -10.12 -3.93
C GLU B 80 34.14 -9.95 -5.35
N LEU B 81 33.28 -8.94 -5.57
CA LEU B 81 32.64 -8.75 -6.85
C LEU B 81 33.22 -7.60 -7.66
N GLY B 82 34.24 -6.92 -7.15
CA GLY B 82 34.79 -5.75 -7.80
C GLY B 82 33.87 -4.56 -7.73
N VAL B 83 33.02 -4.53 -6.73
CA VAL B 83 32.30 -3.29 -6.43
C VAL B 83 33.20 -2.49 -5.45
N HIS B 84 33.61 -1.28 -5.82
CA HIS B 84 34.45 -0.42 -4.94
C HIS B 84 33.59 0.49 -4.06
N GLU B 85 32.70 1.24 -4.70
CA GLU B 85 31.88 2.26 -4.03
C GLU B 85 30.75 1.63 -3.25
N VAL B 86 30.86 1.66 -1.93
CA VAL B 86 29.76 1.25 -1.06
C VAL B 86 29.44 2.39 -0.09
N ASP B 87 28.28 2.99 -0.28
CA ASP B 87 27.84 4.10 0.56
C ASP B 87 26.84 3.61 1.63
N PHE B 88 26.94 4.16 2.83
CA PHE B 88 25.92 3.95 3.88
C PHE B 88 25.25 5.26 4.26
N LEU B 89 23.93 5.23 4.39
CA LEU B 89 23.23 6.35 4.99
C LEU B 89 23.37 6.25 6.49
N ASP B 90 23.16 7.37 7.12
CA ASP B 90 23.19 7.44 8.58
C ASP B 90 21.78 7.80 9.10
N HIS B 91 21.54 7.53 10.37
CA HIS B 91 20.29 7.87 11.03
C HIS B 91 19.00 7.21 10.57
N TYR B 92 19.09 6.07 9.89
CA TYR B 92 17.98 5.12 9.83
C TYR B 92 18.31 3.98 10.77
N ASN B 93 17.27 3.35 11.32
CA ASN B 93 17.42 2.25 12.23
C ASN B 93 16.88 0.96 11.59
N ASP B 94 17.73 -0.02 11.47
CA ASP B 94 17.34 -1.34 10.98
C ASP B 94 16.09 -1.82 11.73
N GLY B 95 15.09 -2.19 10.98
CA GLY B 95 13.80 -2.72 11.47
C GLY B 95 12.67 -1.68 11.44
N THR B 96 13.00 -0.40 11.56
CA THR B 96 12.00 0.64 11.59
C THR B 96 12.33 1.75 10.60
N ILE B 97 12.70 1.37 9.39
CA ILE B 97 12.89 2.36 8.35
C ILE B 97 11.51 2.95 7.99
N GLU B 98 11.36 4.27 7.99
CA GLU B 98 10.06 4.86 7.66
C GLU B 98 10.07 5.43 6.23
N TYR B 99 9.06 5.00 5.47
CA TYR B 99 8.85 5.48 4.12
C TYR B 99 8.41 6.94 4.21
N GLY B 100 8.90 7.79 3.32
CA GLY B 100 8.38 9.12 3.24
C GLY B 100 9.36 10.01 2.49
N PRO B 101 9.04 11.32 2.41
CA PRO B 101 9.86 12.31 1.74
C PRO B 101 11.30 12.34 2.16
N GLY B 102 11.59 12.19 3.46
CA GLY B 102 12.98 12.19 3.92
C GLY B 102 13.84 11.07 3.33
N LEU B 103 13.33 9.85 3.32
CA LEU B 103 14.05 8.76 2.68
C LEU B 103 14.16 8.99 1.16
N ARG B 104 13.06 9.40 0.52
CA ARG B 104 13.12 9.72 -0.88
C ARG B 104 14.22 10.73 -1.21
N ARG B 105 14.36 11.75 -0.38
CA ARG B 105 15.35 12.76 -0.66
C ARG B 105 16.75 12.19 -0.58
N ASP B 106 17.04 11.41 0.46
CA ASP B 106 18.35 10.79 0.60
C ASP B 106 18.66 9.91 -0.58
N LEU B 107 17.66 9.18 -1.07
CA LEU B 107 17.87 8.36 -2.25
C LEU B 107 18.05 9.18 -3.54
N ALA B 108 17.28 10.24 -3.70
CA ALA B 108 17.42 11.08 -4.89
C ALA B 108 18.82 11.70 -4.93
N ARG B 109 19.34 12.02 -3.76
CA ARG B 109 20.67 12.62 -3.64
C ARG B 109 21.71 11.61 -4.14
N ALA B 110 21.55 10.33 -3.77
CA ALA B 110 22.46 9.32 -4.29
C ALA B 110 22.34 9.10 -5.78
N VAL B 111 21.11 9.19 -6.26
CA VAL B 111 20.88 8.99 -7.66
C VAL B 111 21.54 10.11 -8.48
N ARG B 112 21.43 11.33 -8.01
CA ARG B 112 22.12 12.49 -8.68
C ARG B 112 23.63 12.45 -8.57
N ARG B 113 24.13 11.97 -7.45
CA ARG B 113 25.57 11.75 -7.27
C ARG B 113 26.12 10.75 -8.25
N HIS B 114 25.45 9.61 -8.38
CA HIS B 114 26.00 8.51 -9.17
C HIS B 114 25.60 8.50 -10.62
N ARG B 115 24.49 9.13 -10.97
CA ARG B 115 23.98 9.15 -12.33
C ARG B 115 23.81 7.77 -12.92
N PRO B 116 23.16 6.86 -12.20
CA PRO B 116 23.01 5.49 -12.70
C PRO B 116 22.11 5.43 -13.94
N GLU B 117 22.45 4.52 -14.85
CA GLU B 117 21.56 4.23 -15.94
C GLU B 117 20.56 3.18 -15.54
N LEU B 118 20.94 2.29 -14.64
CA LEU B 118 20.04 1.27 -14.13
C LEU B 118 20.09 1.32 -12.61
N ILE B 119 18.93 1.37 -11.97
CA ILE B 119 18.85 1.23 -10.54
C ILE B 119 18.38 -0.16 -10.19
N VAL B 120 19.05 -0.83 -9.24
CA VAL B 120 18.61 -2.11 -8.72
C VAL B 120 18.10 -1.94 -7.28
N THR B 121 16.88 -2.44 -7.01
CA THR B 121 16.28 -2.46 -5.69
C THR B 121 15.97 -3.91 -5.29
N PHE B 122 15.49 -4.07 -4.07
CA PHE B 122 15.04 -5.32 -3.58
C PHE B 122 13.53 -5.24 -3.42
N ASN B 123 12.89 -6.36 -3.70
CA ASN B 123 11.48 -6.56 -3.58
C ASN B 123 10.74 -5.67 -2.53
N HIS B 124 9.82 -4.85 -2.99
CA HIS B 124 9.04 -3.98 -2.11
C HIS B 124 7.62 -4.48 -1.95
N HIS B 125 7.30 -5.60 -2.59
CA HIS B 125 5.94 -6.14 -2.50
C HIS B 125 5.68 -6.68 -1.08
N ASP B 126 4.42 -6.81 -0.72
CA ASP B 126 3.98 -7.34 0.59
C ASP B 126 4.46 -8.77 0.88
N THR B 127 4.74 -9.54 -0.16
CA THR B 127 5.23 -10.90 0.02
C THR B 127 6.54 -11.13 -0.73
N TRP B 128 7.36 -12.01 -0.14
CA TRP B 128 8.57 -12.46 -0.76
C TRP B 128 8.12 -13.40 -1.89
N ALA B 129 9.08 -13.69 -2.76
CA ALA B 129 8.80 -14.52 -3.92
C ALA B 129 8.15 -15.85 -3.47
N SER B 130 8.61 -16.35 -2.32
CA SER B 130 8.06 -17.55 -1.66
C SER B 130 6.64 -17.45 -1.08
N GLY B 131 6.01 -16.27 -0.98
CA GLY B 131 4.69 -16.16 -0.30
C GLY B 131 4.74 -15.72 1.15
N ALA B 132 5.92 -15.77 1.72
CA ALA B 132 6.13 -15.31 3.10
C ALA B 132 5.97 -13.79 3.17
N TRP B 133 5.58 -13.28 4.32
CA TRP B 133 5.33 -11.87 4.51
C TRP B 133 6.66 -11.09 4.46
N ASN B 134 6.71 -10.06 3.62
CA ASN B 134 7.88 -9.24 3.50
C ASN B 134 8.03 -8.30 4.74
N THR B 135 9.14 -7.60 4.83
CA THR B 135 9.37 -6.70 5.98
C THR B 135 9.06 -5.27 5.62
N PRO B 136 8.68 -4.46 6.63
CA PRO B 136 8.42 -3.05 6.33
C PRO B 136 9.66 -2.29 5.88
N ASP B 137 10.84 -2.72 6.29
CA ASP B 137 12.08 -2.13 5.76
C ASP B 137 12.18 -2.30 4.26
N HIS B 138 11.89 -3.50 3.77
CA HIS B 138 11.96 -3.72 2.34
C HIS B 138 10.88 -2.97 1.58
N ARG B 139 9.67 -2.95 2.13
CA ARG B 139 8.57 -2.21 1.51
C ARG B 139 8.91 -0.73 1.43
N ALA B 140 9.48 -0.21 2.49
CA ALA B 140 9.82 1.20 2.55
C ALA B 140 10.92 1.61 1.60
N VAL B 141 12.03 0.90 1.63
CA VAL B 141 13.16 1.22 0.79
C VAL B 141 12.86 1.06 -0.69
N GLY B 142 12.19 -0.01 -1.07
CA GLY B 142 11.95 -0.28 -2.47
C GLY B 142 11.04 0.78 -3.05
N LEU B 143 10.00 1.07 -2.32
CA LEU B 143 9.03 2.04 -2.67
C LEU B 143 9.68 3.40 -2.82
N ALA B 144 10.46 3.85 -1.83
CA ALA B 144 11.14 5.14 -1.93
C ALA B 144 12.15 5.19 -3.10
N ALA B 145 12.82 4.08 -3.38
CA ALA B 145 13.77 4.05 -4.52
C ALA B 145 13.02 4.20 -5.87
N LEU B 146 11.89 3.53 -6.01
CA LEU B 146 11.09 3.66 -7.22
C LEU B 146 10.59 5.10 -7.36
N ASP B 147 10.12 5.70 -6.25
CA ASP B 147 9.63 7.08 -6.26
C ASP B 147 10.78 8.07 -6.54
N ALA B 148 11.99 7.75 -6.08
CA ALA B 148 13.13 8.67 -6.21
C ALA B 148 13.61 8.86 -7.63
N VAL B 149 13.22 7.97 -8.56
CA VAL B 149 13.60 8.11 -9.95
C VAL B 149 13.08 9.46 -10.49
N ALA B 150 11.79 9.73 -10.25
CA ALA B 150 11.18 10.99 -10.65
C ALA B 150 11.70 12.16 -9.83
N ASP B 151 11.89 11.94 -8.54
CA ASP B 151 12.38 13.01 -7.66
C ASP B 151 13.76 13.49 -8.07
N ALA B 152 14.65 12.56 -8.38
CA ALA B 152 16.00 12.85 -8.85
C ALA B 152 16.02 13.62 -10.18
N ALA B 153 15.03 13.36 -11.02
CA ALA B 153 14.84 14.03 -12.32
C ALA B 153 14.18 15.38 -12.28
N ASN B 154 13.55 15.76 -11.16
CA ASN B 154 12.79 17.00 -11.07
C ASN B 154 13.54 18.09 -10.27
N ARG B 155 13.84 19.19 -10.95
CA ARG B 155 14.59 20.34 -10.41
C ARG B 155 13.98 20.93 -9.13
N TRP B 156 12.66 20.87 -8.97
CA TRP B 156 11.98 21.60 -7.87
C TRP B 156 11.57 20.76 -6.70
N ILE B 157 11.55 19.44 -6.85
CA ILE B 157 11.27 18.57 -5.69
C ILE B 157 12.65 18.45 -5.00
N PHE B 158 12.66 18.70 -3.72
CA PHE B 158 13.87 18.75 -2.92
C PHE B 158 14.84 19.81 -3.47
N PRO B 159 14.38 21.08 -3.56
CA PRO B 159 15.21 22.19 -4.11
C PRO B 159 16.60 22.31 -3.47
N GLU B 160 16.72 21.95 -2.20
CA GLU B 160 18.02 21.92 -1.51
C GLU B 160 19.10 21.11 -2.21
N LEU B 161 18.73 20.04 -2.93
CA LEU B 161 19.71 19.29 -3.67
C LEU B 161 20.49 20.12 -4.72
N LEU B 162 19.82 21.06 -5.38
CA LEU B 162 20.49 22.02 -6.28
C LEU B 162 21.61 22.76 -5.59
N ASP B 163 21.36 23.21 -4.36
CA ASP B 163 22.37 23.97 -3.58
C ASP B 163 23.52 23.11 -3.17
N GLU B 164 23.29 21.82 -3.04
CA GLU B 164 24.37 20.91 -2.72
C GLU B 164 25.22 20.65 -3.93
N GLY B 165 24.88 21.28 -5.05
CA GLY B 165 25.59 21.03 -6.30
C GLY B 165 25.12 19.80 -7.03
N LEU B 166 23.94 19.26 -6.73
CA LEU B 166 23.49 18.05 -7.43
C LEU B 166 22.47 18.38 -8.50
N GLU B 167 22.87 18.34 -9.76
CA GLU B 167 21.95 18.62 -10.85
C GLU B 167 21.02 17.41 -11.07
N PRO B 168 19.81 17.67 -11.59
CA PRO B 168 18.85 16.64 -11.84
C PRO B 168 19.43 15.53 -12.69
N TRP B 169 19.02 14.29 -12.45
CA TRP B 169 19.40 13.15 -13.23
C TRP B 169 18.20 12.22 -13.41
N ARG B 170 17.98 11.78 -14.64
CA ARG B 170 16.94 10.77 -14.95
C ARG B 170 17.55 9.39 -15.22
N ALA B 171 17.36 8.45 -14.31
CA ALA B 171 17.82 7.06 -14.54
C ALA B 171 16.87 6.36 -15.52
N GLY B 172 17.40 5.47 -16.33
CA GLY B 172 16.63 4.78 -17.37
C GLY B 172 15.59 3.78 -16.89
N LYS B 173 15.91 3.01 -15.86
CA LYS B 173 15.21 1.76 -15.60
C LYS B 173 15.48 1.36 -14.19
N VAL B 174 14.48 0.79 -13.52
CA VAL B 174 14.67 0.14 -12.20
C VAL B 174 14.42 -1.35 -12.35
N ALA B 175 15.28 -2.13 -11.77
CA ALA B 175 15.12 -3.58 -11.80
C ALA B 175 14.99 -4.02 -10.38
N ILE B 176 13.92 -4.76 -10.07
CA ILE B 176 13.63 -5.15 -8.72
C ILE B 176 14.03 -6.61 -8.57
N ALA B 177 15.00 -6.87 -7.72
CA ALA B 177 15.42 -8.24 -7.39
C ALA B 177 14.48 -8.90 -6.41
N GLY B 178 14.29 -10.22 -6.51
CA GLY B 178 13.49 -10.98 -5.57
C GLY B 178 12.00 -10.73 -5.66
N SER B 179 11.54 -10.20 -6.79
CA SER B 179 10.15 -9.88 -6.92
C SER B 179 9.34 -11.16 -7.21
N PRO B 180 8.14 -11.29 -6.61
CA PRO B 180 7.24 -12.34 -7.01
C PRO B 180 6.69 -12.13 -8.42
N HIS B 181 6.86 -10.94 -9.02
CA HIS B 181 6.37 -10.66 -10.38
C HIS B 181 7.49 -10.31 -11.38
N ALA B 182 8.47 -11.19 -11.52
CA ALA B 182 9.60 -10.90 -12.39
C ALA B 182 9.20 -10.89 -13.87
N THR B 183 9.98 -10.14 -14.65
CA THR B 183 9.73 -9.98 -16.09
C THR B 183 10.94 -10.27 -16.95
N HIS B 184 12.14 -10.13 -16.38
CA HIS B 184 13.38 -10.25 -17.13
C HIS B 184 14.38 -11.05 -16.34
N ALA B 185 15.44 -11.45 -17.02
CA ALA B 185 16.53 -12.07 -16.32
C ALA B 185 17.86 -11.69 -16.90
N VAL B 186 18.89 -11.91 -16.10
CA VAL B 186 20.28 -11.75 -16.50
C VAL B 186 20.95 -13.12 -16.43
N ALA B 187 21.49 -13.57 -17.55
CA ALA B 187 22.18 -14.86 -17.59
C ALA B 187 23.46 -14.80 -16.78
N VAL B 188 23.75 -15.85 -16.04
CA VAL B 188 24.92 -15.89 -15.15
C VAL B 188 25.81 -17.07 -15.52
N ASP B 189 27.09 -16.82 -15.75
CA ASP B 189 28.01 -17.93 -16.02
C ASP B 189 28.63 -18.48 -14.74
N ASP B 190 29.27 -19.64 -14.86
CA ASP B 190 29.99 -20.29 -13.73
C ASP B 190 30.97 -19.41 -12.99
N ASP B 191 31.79 -18.66 -13.71
CA ASP B 191 32.70 -17.74 -13.03
C ASP B 191 31.95 -16.76 -12.10
N SER B 192 30.88 -16.18 -12.61
CA SER B 192 30.11 -15.20 -11.85
C SER B 192 29.39 -15.81 -10.66
N ARG B 193 28.82 -17.00 -10.87
CA ARG B 193 28.22 -17.76 -9.78
C ARG B 193 29.24 -17.99 -8.67
N ASP B 194 30.42 -18.48 -9.02
CA ASP B 194 31.44 -18.79 -8.04
C ASP B 194 31.90 -17.54 -7.28
N ARG B 195 32.06 -16.45 -7.99
CA ARG B 195 32.36 -15.15 -7.33
C ARG B 195 31.22 -14.71 -6.40
N ALA B 196 29.98 -14.83 -6.83
CA ALA B 196 28.86 -14.45 -6.00
C ALA B 196 28.77 -15.32 -4.73
N VAL B 197 29.14 -16.59 -4.84
CA VAL B 197 29.15 -17.44 -3.67
C VAL B 197 30.18 -16.96 -2.65
N ARG B 198 31.37 -16.61 -3.15
CA ARG B 198 32.37 -16.06 -2.29
C ARG B 198 31.84 -14.74 -1.65
N SER B 199 31.20 -13.88 -2.44
CA SER B 199 30.70 -12.61 -1.92
C SER B 199 29.66 -12.83 -0.81
N LEU B 200 28.67 -13.67 -1.07
CA LEU B 200 27.67 -13.95 -0.06
C LEU B 200 28.28 -14.59 1.19
N ALA B 201 29.24 -15.48 0.99
CA ALA B 201 29.86 -16.17 2.11
C ALA B 201 30.67 -15.20 2.99
N ALA B 202 31.03 -14.04 2.45
CA ALA B 202 31.75 -13.02 3.21
C ALA B 202 30.87 -12.46 4.32
N HIS B 203 29.55 -12.58 4.20
CA HIS B 203 28.61 -12.26 5.28
C HIS B 203 28.66 -13.37 6.31
N ASP B 204 29.86 -13.56 6.88
CA ASP B 204 30.16 -14.82 7.60
C ASP B 204 29.41 -14.91 8.94
N ARG B 205 29.49 -13.81 9.70
CA ARG B 205 28.83 -13.77 11.01
C ARG B 205 27.34 -13.77 10.81
N TYR B 206 26.88 -13.06 9.79
CA TYR B 206 25.45 -13.00 9.54
C TYR B 206 24.87 -14.37 9.20
N LEU B 207 25.46 -15.03 8.22
CA LEU B 207 25.03 -16.40 7.81
C LEU B 207 25.22 -17.41 8.95
N GLY B 208 26.32 -17.26 9.70
CA GLY B 208 26.59 -18.12 10.84
C GLY B 208 25.51 -18.04 11.91
N SER B 209 24.89 -16.86 12.05
CA SER B 209 23.76 -16.67 12.96
C SER B 209 22.46 -17.32 12.46
N LEU B 210 22.26 -17.40 11.15
CA LEU B 210 20.97 -17.84 10.58
C LEU B 210 20.78 -19.36 10.55
N SER B 211 21.82 -20.09 10.14
CA SER B 211 21.83 -21.53 10.29
C SER B 211 23.21 -21.87 10.87
N ASP B 212 23.42 -23.14 11.21
CA ASP B 212 24.71 -23.58 11.71
C ASP B 212 25.43 -24.50 10.68
N ASP B 213 25.04 -24.40 9.41
CA ASP B 213 25.86 -24.95 8.31
C ASP B 213 27.02 -24.01 8.04
N PRO B 214 28.15 -24.55 7.54
CA PRO B 214 29.22 -23.66 7.09
C PRO B 214 28.68 -22.58 6.14
N PRO B 215 29.06 -21.30 6.36
CA PRO B 215 28.52 -20.27 5.48
C PRO B 215 28.76 -20.51 3.98
N GLN B 216 29.92 -21.02 3.62
CA GLN B 216 30.26 -21.37 2.25
C GLN B 216 29.24 -22.35 1.61
N GLU B 217 28.88 -23.41 2.35
CA GLU B 217 27.86 -24.39 1.93
C GLU B 217 26.52 -23.70 1.77
N ARG B 218 26.16 -22.94 2.80
CA ARG B 218 24.89 -22.25 2.83
C ARG B 218 24.80 -21.28 1.64
N ALA B 219 25.90 -20.58 1.35
CA ALA B 219 25.90 -19.61 0.25
C ALA B 219 25.69 -20.35 -1.07
N ARG B 220 26.42 -21.44 -1.26
CA ARG B 220 26.25 -22.21 -2.47
C ARG B 220 24.81 -22.70 -2.67
N PHE B 221 24.15 -23.17 -1.61
CA PHE B 221 22.77 -23.65 -1.71
C PHE B 221 21.79 -22.53 -2.03
N ILE B 222 21.88 -21.44 -1.30
CA ILE B 222 20.99 -20.32 -1.54
C ILE B 222 21.12 -19.81 -2.98
N LEU B 223 22.35 -19.60 -3.45
CA LEU B 223 22.54 -19.02 -4.79
C LEU B 223 22.25 -20.05 -5.92
N GLY B 224 22.52 -21.31 -5.66
CA GLY B 224 22.09 -22.38 -6.56
C GLY B 224 20.57 -22.38 -6.74
N HIS B 225 19.87 -22.23 -5.65
CA HIS B 225 18.43 -22.17 -5.67
C HIS B 225 17.92 -20.94 -6.45
N LEU B 226 18.57 -19.79 -6.23
CA LEU B 226 18.23 -18.57 -6.97
C LEU B 226 18.37 -18.75 -8.48
N LEU B 227 19.49 -19.30 -8.91
CA LEU B 227 19.79 -19.44 -10.32
C LEU B 227 18.88 -20.48 -10.97
N ALA B 228 18.62 -21.54 -10.24
CA ALA B 228 17.78 -22.65 -10.73
C ALA B 228 16.30 -22.26 -10.79
N ALA B 229 15.87 -21.29 -9.97
CA ALA B 229 14.46 -20.86 -10.04
C ALA B 229 14.16 -20.18 -11.39
N THR B 230 15.17 -19.56 -11.97
CA THR B 230 15.02 -18.75 -13.16
C THR B 230 15.15 -19.58 -14.42
N ALA B 231 16.07 -20.54 -14.41
CA ALA B 231 16.40 -21.31 -15.59
C ALA B 231 15.21 -21.82 -16.42
N PRO B 232 14.21 -22.48 -15.79
CA PRO B 232 13.05 -23.06 -16.55
C PRO B 232 12.20 -21.98 -17.22
N ARG B 233 12.26 -20.76 -16.75
CA ARG B 233 11.51 -19.71 -17.44
C ARG B 233 12.41 -18.81 -18.28
N PHE B 234 13.63 -19.29 -18.54
CA PHE B 234 14.62 -18.47 -19.19
C PHE B 234 15.42 -19.32 -20.18
N GLY B 235 14.71 -20.16 -20.90
CA GLY B 235 15.35 -20.99 -21.91
C GLY B 235 16.34 -21.99 -21.34
N GLY B 236 16.14 -22.39 -20.08
CA GLY B 236 17.05 -23.35 -19.45
C GLY B 236 18.37 -22.72 -18.99
N ARG B 237 18.46 -21.39 -19.08
CA ARG B 237 19.67 -20.69 -18.63
C ARG B 237 19.61 -20.20 -17.19
N ASP B 238 20.63 -20.54 -16.41
CA ASP B 238 20.77 -20.03 -15.05
C ASP B 238 20.88 -18.51 -15.14
N GLY B 239 20.19 -17.84 -14.24
CA GLY B 239 20.14 -16.39 -14.25
C GLY B 239 19.51 -15.84 -13.01
N VAL B 240 19.50 -14.51 -12.89
CA VAL B 240 18.85 -13.83 -11.78
C VAL B 240 17.66 -13.11 -12.40
N ALA B 241 16.47 -13.31 -11.82
CA ALA B 241 15.23 -12.71 -12.30
C ALA B 241 15.05 -11.30 -11.66
N PHE B 242 14.49 -10.36 -12.44
CA PHE B 242 14.15 -9.02 -12.01
C PHE B 242 12.80 -8.64 -12.55
N GLN B 243 12.08 -7.84 -11.78
CA GLN B 243 10.92 -7.15 -12.29
C GLN B 243 11.35 -5.76 -12.76
N ILE B 244 11.12 -5.46 -14.03
CA ILE B 244 11.53 -4.17 -14.55
C ILE B 244 10.40 -3.18 -14.50
N VAL B 245 10.74 -1.96 -14.10
CA VAL B 245 9.84 -0.80 -14.16
C VAL B 245 10.48 0.30 -14.99
N MET C 4 -9.14 -14.83 -4.78
CA MET C 4 -9.63 -15.90 -3.86
C MET C 4 -9.49 -17.28 -4.49
N ALA C 5 -8.88 -18.21 -3.75
CA ALA C 5 -8.73 -19.59 -4.22
C ALA C 5 -10.09 -20.24 -4.55
N ASP C 6 -10.08 -21.11 -5.55
CA ASP C 6 -11.27 -21.89 -5.93
C ASP C 6 -11.47 -23.18 -5.12
N THR C 7 -10.40 -23.68 -4.50
CA THR C 7 -10.49 -24.76 -3.52
C THR C 7 -9.77 -24.33 -2.23
N LEU C 8 -10.50 -24.25 -1.12
CA LEU C 8 -9.89 -23.90 0.18
C LEU C 8 -9.39 -25.14 0.88
N LEU C 9 -8.19 -25.06 1.42
CA LEU C 9 -7.54 -26.18 2.10
C LEU C 9 -7.94 -26.11 3.56
N GLU C 10 -7.79 -27.22 4.27
CA GLU C 10 -8.12 -27.22 5.66
C GLU C 10 -7.02 -26.53 6.43
N LEU C 11 -7.38 -25.67 7.36
CA LEU C 11 -6.37 -25.04 8.20
C LEU C 11 -5.75 -26.12 9.06
N PRO C 12 -4.42 -26.32 8.96
CA PRO C 12 -3.77 -27.31 9.83
C PRO C 12 -4.01 -26.95 11.28
N ASP C 13 -4.18 -27.96 12.14
CA ASP C 13 -4.66 -27.72 13.53
C ASP C 13 -3.59 -27.98 14.63
N ASP C 14 -2.40 -27.51 14.36
CA ASP C 14 -1.25 -27.68 15.22
C ASP C 14 -1.00 -26.40 16.07
N PHE C 15 -1.99 -25.98 16.88
CA PHE C 15 -1.85 -24.82 17.75
C PHE C 15 -2.79 -24.91 18.92
N SER C 16 -2.35 -24.40 20.06
CA SER C 16 -3.19 -24.42 21.23
C SER C 16 -3.44 -23.06 21.85
N ARG C 17 -2.72 -22.05 21.39
CA ARG C 17 -2.91 -20.70 21.86
C ARG C 17 -3.09 -19.81 20.64
N VAL C 18 -4.15 -19.01 20.70
CA VAL C 18 -4.51 -18.07 19.65
C VAL C 18 -4.63 -16.64 20.20
N LEU C 19 -4.08 -15.69 19.45
CA LEU C 19 -4.26 -14.26 19.76
C LEU C 19 -4.87 -13.58 18.53
N ALA C 20 -6.05 -13.04 18.70
CA ALA C 20 -6.74 -12.26 17.62
C ALA C 20 -6.43 -10.80 17.89
N ILE C 21 -5.96 -10.09 16.87
CA ILE C 21 -5.64 -8.69 16.95
C ILE C 21 -6.51 -7.95 15.95
N VAL C 22 -7.34 -7.04 16.45
CA VAL C 22 -8.26 -6.32 15.57
C VAL C 22 -8.33 -4.85 15.97
N ALA C 23 -8.86 -4.05 15.05
CA ALA C 23 -9.05 -2.61 15.29
C ALA C 23 -10.17 -2.30 16.28
N HIS C 24 -11.28 -3.02 16.16
CA HIS C 24 -12.53 -2.62 16.80
C HIS C 24 -13.33 -3.81 17.28
N PRO C 25 -14.16 -3.59 18.29
CA PRO C 25 -15.18 -4.56 18.64
C PRO C 25 -16.02 -4.90 17.39
N ASP C 26 -16.43 -6.14 17.28
CA ASP C 26 -17.26 -6.62 16.16
C ASP C 26 -16.39 -7.20 15.03
N ASP C 27 -15.15 -6.72 14.81
CA ASP C 27 -14.29 -7.32 13.79
C ASP C 27 -14.15 -8.83 14.00
N ILE C 28 -13.91 -9.25 15.22
CA ILE C 28 -13.70 -10.69 15.51
C ILE C 28 -14.93 -11.52 15.28
N GLU C 29 -16.06 -11.00 15.73
CA GLU C 29 -17.32 -11.70 15.61
C GLU C 29 -17.75 -11.83 14.14
N PHE C 30 -17.66 -10.74 13.37
CA PHE C 30 -18.01 -10.78 11.95
C PHE C 30 -17.03 -11.66 11.17
N GLY C 31 -15.77 -11.63 11.53
CA GLY C 31 -14.76 -12.24 10.69
C GLY C 31 -14.47 -13.67 11.01
N ALA C 32 -14.56 -14.03 12.29
CA ALA C 32 -14.01 -15.28 12.76
C ALA C 32 -14.73 -15.96 13.90
N GLY C 33 -15.86 -15.41 14.35
CA GLY C 33 -16.45 -15.83 15.61
C GLY C 33 -16.73 -17.33 15.65
N PRO C 34 -17.24 -17.88 14.54
CA PRO C 34 -17.53 -19.31 14.61
C PRO C 34 -16.30 -20.18 14.73
N ALA C 35 -15.20 -19.76 14.12
CA ALA C 35 -13.93 -20.45 14.28
C ALA C 35 -13.42 -20.36 15.72
N VAL C 36 -13.54 -19.17 16.32
CA VAL C 36 -13.19 -19.01 17.70
C VAL C 36 -13.99 -19.96 18.58
N ALA C 37 -15.29 -20.04 18.31
CA ALA C 37 -16.15 -20.95 19.03
C ALA C 37 -15.69 -22.41 18.91
N GLN C 38 -15.42 -22.81 17.69
CA GLN C 38 -14.91 -24.15 17.41
C GLN C 38 -13.59 -24.41 18.14
N TRP C 39 -12.68 -23.44 18.14
CA TRP C 39 -11.41 -23.60 18.82
C TRP C 39 -11.51 -23.75 20.32
N THR C 40 -12.32 -22.90 20.97
CA THR C 40 -12.46 -22.98 22.42
C THR C 40 -13.25 -24.23 22.84
N ALA C 41 -14.19 -24.69 22.00
CA ALA C 41 -14.90 -25.99 22.26
C ALA C 41 -13.90 -27.11 22.30
N GLN C 42 -12.83 -27.02 21.51
CA GLN C 42 -11.76 -28.02 21.49
C GLN C 42 -10.69 -27.81 22.56
N GLY C 43 -10.83 -26.80 23.41
CA GLY C 43 -9.93 -26.64 24.56
C GLY C 43 -8.76 -25.72 24.26
N ARG C 44 -8.77 -25.07 23.11
CA ARG C 44 -7.72 -24.13 22.78
C ARG C 44 -7.97 -22.80 23.46
N GLU C 45 -6.88 -22.16 23.83
CA GLU C 45 -6.90 -20.89 24.53
C GLU C 45 -6.88 -19.75 23.46
N VAL C 46 -7.86 -18.85 23.55
CA VAL C 46 -7.94 -17.70 22.67
C VAL C 46 -8.00 -16.43 23.53
N ALA C 47 -7.13 -15.47 23.21
CA ALA C 47 -7.17 -14.13 23.75
C ALA C 47 -7.47 -13.10 22.66
N TYR C 48 -8.15 -12.01 23.03
CA TYR C 48 -8.35 -10.86 22.12
C TYR C 48 -7.56 -9.57 22.49
N LEU C 49 -6.98 -8.94 21.47
CA LEU C 49 -6.36 -7.62 21.59
CA LEU C 49 -6.36 -7.63 21.58
C LEU C 49 -7.08 -6.66 20.65
N LEU C 50 -7.67 -5.61 21.21
CA LEU C 50 -8.37 -4.62 20.41
C LEU C 50 -7.65 -3.30 20.50
N VAL C 51 -7.41 -2.69 19.34
CA VAL C 51 -6.66 -1.45 19.30
C VAL C 51 -7.55 -0.29 19.79
N THR C 52 -8.85 -0.36 19.55
CA THR C 52 -9.76 0.70 19.98
C THR C 52 -11.03 0.08 20.55
N ARG C 53 -11.85 0.94 21.14
CA ARG C 53 -13.16 0.53 21.61
C ARG C 53 -14.27 0.74 20.58
N GLY C 54 -13.91 1.05 19.35
CA GLY C 54 -14.96 1.27 18.30
C GLY C 54 -15.91 2.44 18.60
N GLU C 55 -15.36 3.47 19.23
CA GLU C 55 -16.11 4.52 19.88
C GLU C 55 -16.71 5.55 18.90
N ALA C 56 -16.34 5.46 17.63
CA ALA C 56 -16.94 6.26 16.58
C ALA C 56 -17.92 5.46 15.74
N GLY C 57 -18.27 4.26 16.16
CA GLY C 57 -19.04 3.38 15.29
C GLY C 57 -20.54 3.32 15.51
N ILE C 58 -21.09 4.18 16.38
CA ILE C 58 -22.55 4.20 16.56
C ILE C 58 -23.02 5.64 16.35
N SER C 59 -23.79 5.85 15.29
CA SER C 59 -24.10 7.21 14.89
C SER C 59 -24.82 8.00 15.98
N ASP C 60 -25.63 7.33 16.79
CA ASP C 60 -26.40 8.08 17.79
C ASP C 60 -25.77 8.13 19.19
N LEU C 61 -24.54 7.63 19.35
CA LEU C 61 -23.81 7.73 20.62
C LEU C 61 -22.49 8.44 20.44
N GLU C 62 -22.30 9.54 21.13
CA GLU C 62 -21.02 10.21 21.16
C GLU C 62 -19.92 9.27 21.71
N PRO C 63 -18.66 9.44 21.27
CA PRO C 63 -17.56 8.58 21.69
C PRO C 63 -17.36 8.33 23.21
N ALA C 64 -17.54 9.36 24.04
CA ALA C 64 -17.39 9.17 25.48
C ALA C 64 -18.45 8.19 26.03
N GLN C 65 -19.59 8.13 25.35
CA GLN C 65 -20.63 7.16 25.69
C GLN C 65 -20.44 5.82 25.00
N CYS C 66 -20.09 5.85 23.72
CA CYS C 66 -20.02 4.64 22.90
C CYS C 66 -18.87 3.65 23.28
N GLY C 67 -17.72 4.20 23.59
CA GLY C 67 -16.56 3.38 23.95
C GLY C 67 -16.82 2.41 25.09
N PRO C 68 -17.25 2.93 26.25
CA PRO C 68 -17.59 2.07 27.39
C PRO C 68 -18.66 1.04 27.08
N VAL C 69 -19.67 1.43 26.33
CA VAL C 69 -20.73 0.52 25.90
C VAL C 69 -20.16 -0.64 25.06
N ARG C 70 -19.34 -0.31 24.07
CA ARG C 70 -18.81 -1.33 23.17
C ARG C 70 -17.76 -2.20 23.82
N GLU C 71 -16.99 -1.62 24.75
CA GLU C 71 -16.11 -2.43 25.57
C GLU C 71 -16.86 -3.49 26.36
N ALA C 72 -17.96 -3.07 27.00
CA ALA C 72 -18.78 -4.00 27.78
C ALA C 72 -19.43 -5.05 26.86
N GLU C 73 -19.92 -4.64 25.69
CA GLU C 73 -20.46 -5.58 24.68
C GLU C 73 -19.40 -6.59 24.17
N GLN C 74 -18.17 -6.13 23.95
CA GLN C 74 -17.10 -7.03 23.50
C GLN C 74 -16.77 -8.06 24.59
N ARG C 75 -16.77 -7.61 25.85
CA ARG C 75 -16.43 -8.52 26.95
C ARG C 75 -17.47 -9.58 27.17
N LYS C 76 -18.72 -9.25 26.92
CA LYS C 76 -19.82 -10.20 27.02
C LYS C 76 -19.75 -11.17 25.82
N ALA C 77 -19.62 -10.64 24.62
CA ALA C 77 -19.42 -11.50 23.44
C ALA C 77 -18.28 -12.53 23.66
N ALA C 78 -17.16 -12.04 24.18
CA ALA C 78 -16.01 -12.92 24.46
C ALA C 78 -16.41 -14.06 25.41
N ALA C 79 -17.06 -13.69 26.52
CA ALA C 79 -17.51 -14.68 27.50
C ALA C 79 -18.43 -15.75 26.91
N GLU C 80 -19.24 -15.42 25.91
CA GLU C 80 -20.09 -16.43 25.25
C GLU C 80 -19.30 -17.52 24.51
N LEU C 81 -18.03 -17.24 24.19
CA LEU C 81 -17.16 -18.19 23.52
C LEU C 81 -16.10 -18.77 24.44
N GLY C 82 -16.15 -18.38 25.71
CA GLY C 82 -15.18 -18.86 26.67
C GLY C 82 -13.84 -18.22 26.41
N VAL C 83 -13.84 -16.97 25.92
CA VAL C 83 -12.63 -16.21 25.82
C VAL C 83 -12.58 -15.34 27.09
N HIS C 84 -11.52 -15.50 27.87
CA HIS C 84 -11.38 -14.77 29.12
C HIS C 84 -10.43 -13.57 29.07
N GLU C 85 -9.40 -13.60 28.20
CA GLU C 85 -8.43 -12.50 28.12
C GLU C 85 -8.80 -11.56 26.97
N VAL C 86 -9.30 -10.39 27.31
CA VAL C 86 -9.68 -9.38 26.34
C VAL C 86 -8.98 -8.12 26.75
N ASP C 87 -8.09 -7.62 25.90
CA ASP C 87 -7.39 -6.40 26.25
C ASP C 87 -7.57 -5.32 25.19
N PHE C 88 -7.68 -4.08 25.66
CA PHE C 88 -7.84 -2.91 24.82
C PHE C 88 -6.59 -2.04 24.93
N LEU C 89 -6.02 -1.60 23.80
CA LEU C 89 -4.93 -0.63 23.84
C LEU C 89 -5.45 0.73 24.31
N ASP C 90 -4.56 1.60 24.74
CA ASP C 90 -4.94 2.95 25.11
C ASP C 90 -4.40 3.94 24.09
N HIS C 91 -5.04 5.08 23.94
CA HIS C 91 -4.45 6.21 23.21
C HIS C 91 -4.65 6.15 21.70
N TYR C 92 -5.35 5.15 21.17
CA TYR C 92 -5.71 5.14 19.76
C TYR C 92 -7.15 5.65 19.62
N ASN C 93 -7.46 6.27 18.51
CA ASN C 93 -8.82 6.84 18.25
C ASN C 93 -9.43 6.08 17.11
N ASP C 94 -10.55 5.45 17.37
CA ASP C 94 -11.39 4.79 16.36
C ASP C 94 -11.58 5.75 15.19
N GLY C 95 -11.17 5.25 14.04
CA GLY C 95 -11.31 5.91 12.77
C GLY C 95 -10.04 6.54 12.23
N THR C 96 -9.10 6.88 13.10
CA THR C 96 -7.81 7.46 12.66
C THR C 96 -6.60 6.72 13.26
N ILE C 97 -6.68 5.40 13.31
CA ILE C 97 -5.52 4.59 13.69
C ILE C 97 -4.42 4.81 12.63
N GLU C 98 -3.21 5.11 13.07
CA GLU C 98 -2.12 5.29 12.12
C GLU C 98 -1.18 4.09 12.15
N TYR C 99 -0.85 3.59 10.99
CA TYR C 99 0.15 2.56 10.86
C TYR C 99 1.53 3.13 11.15
N GLY C 100 2.36 2.37 11.83
CA GLY C 100 3.77 2.74 11.94
C GLY C 100 4.46 1.95 13.05
N PRO C 101 5.68 2.34 13.41
CA PRO C 101 6.47 1.68 14.46
C PRO C 101 5.79 1.69 15.83
N GLY C 102 5.07 2.76 16.19
CA GLY C 102 4.40 2.80 17.50
C GLY C 102 3.34 1.67 17.64
N LEU C 103 2.51 1.54 16.64
CA LEU C 103 1.51 0.48 16.62
C LEU C 103 2.18 -0.91 16.57
N ARG C 104 3.20 -1.08 15.72
CA ARG C 104 3.94 -2.32 15.65
C ARG C 104 4.47 -2.77 17.00
N ARG C 105 5.03 -1.81 17.72
CA ARG C 105 5.58 -2.07 19.02
C ARG C 105 4.52 -2.48 20.03
N ASP C 106 3.36 -1.81 20.03
CA ASP C 106 2.28 -2.16 20.94
C ASP C 106 1.73 -3.57 20.60
N LEU C 107 1.73 -3.93 19.34
CA LEU C 107 1.28 -5.27 18.99
C LEU C 107 2.33 -6.35 19.27
N ALA C 108 3.59 -6.07 19.02
CA ALA C 108 4.67 -6.95 19.37
C ALA C 108 4.71 -7.21 20.89
N ARG C 109 4.52 -6.17 21.71
CA ARG C 109 4.30 -6.35 23.15
C ARG C 109 3.26 -7.43 23.47
N ALA C 110 2.08 -7.30 22.88
CA ALA C 110 1.03 -8.27 23.11
C ALA C 110 1.39 -9.67 22.66
N VAL C 111 2.04 -9.79 21.49
CA VAL C 111 2.48 -11.11 20.99
C VAL C 111 3.45 -11.79 21.99
N ARG C 112 4.38 -11.02 22.51
CA ARG C 112 5.37 -11.54 23.48
C ARG C 112 4.75 -11.87 24.79
N ARG C 113 3.73 -11.13 25.19
CA ARG C 113 3.00 -11.39 26.43
C ARG C 113 2.20 -12.68 26.32
N HIS C 114 1.55 -12.88 25.20
CA HIS C 114 0.60 -14.03 25.07
C HIS C 114 1.25 -15.29 24.52
N ARG C 115 2.32 -15.12 23.78
CA ARG C 115 2.99 -16.26 23.15
C ARG C 115 2.06 -17.11 22.33
N PRO C 116 1.31 -16.47 21.42
CA PRO C 116 0.43 -17.20 20.53
C PRO C 116 1.16 -18.07 19.53
N GLU C 117 0.62 -19.25 19.26
CA GLU C 117 1.07 -20.09 18.18
C GLU C 117 0.35 -19.74 16.90
N LEU C 118 -0.87 -19.23 17.00
CA LEU C 118 -1.56 -18.69 15.83
C LEU C 118 -2.01 -17.27 16.16
N ILE C 119 -1.72 -16.39 15.23
CA ILE C 119 -2.32 -15.06 15.26
C ILE C 119 -3.40 -14.89 14.21
N VAL C 120 -4.57 -14.44 14.63
CA VAL C 120 -5.67 -14.11 13.75
C VAL C 120 -5.77 -12.58 13.60
N THR C 121 -5.74 -12.10 12.37
CA THR C 121 -5.98 -10.68 12.06
C THR C 121 -7.25 -10.53 11.23
N PHE C 122 -7.61 -9.29 10.97
CA PHE C 122 -8.75 -9.01 10.15
C PHE C 122 -8.26 -8.36 8.85
N ASN C 123 -8.89 -8.70 7.73
CA ASN C 123 -8.57 -8.21 6.38
C ASN C 123 -7.98 -6.78 6.34
N HIS C 124 -6.74 -6.71 5.96
CA HIS C 124 -5.99 -5.46 5.77
C HIS C 124 -5.97 -5.00 4.28
N HIS C 125 -6.60 -5.72 3.36
CA HIS C 125 -6.56 -5.37 1.95
C HIS C 125 -7.40 -4.14 1.67
N ASP C 126 -7.25 -3.55 0.50
CA ASP C 126 -7.95 -2.33 0.14
C ASP C 126 -9.43 -2.54 0.01
N THR C 127 -9.86 -3.78 -0.25
CA THR C 127 -11.27 -4.07 -0.40
C THR C 127 -11.72 -5.21 0.51
N TRP C 128 -12.99 -5.12 0.91
CA TRP C 128 -13.62 -6.12 1.77
C TRP C 128 -13.86 -7.36 0.93
N ALA C 129 -14.22 -8.43 1.63
CA ALA C 129 -14.70 -9.67 1.01
C ALA C 129 -15.68 -9.38 -0.14
N SER C 130 -16.70 -8.56 0.12
CA SER C 130 -17.64 -8.10 -0.92
C SER C 130 -17.10 -7.29 -2.10
N GLY C 131 -15.98 -6.58 -1.94
CA GLY C 131 -15.52 -5.63 -2.98
C GLY C 131 -15.76 -4.17 -2.62
N ALA C 132 -16.38 -3.93 -1.49
CA ALA C 132 -16.52 -2.54 -1.05
C ALA C 132 -15.16 -2.08 -0.53
N TRP C 133 -14.98 -0.77 -0.45
CA TRP C 133 -13.71 -0.22 -0.04
C TRP C 133 -13.53 -0.45 1.46
N ASN C 134 -12.36 -0.92 1.88
CA ASN C 134 -12.07 -1.16 3.27
C ASN C 134 -11.66 0.14 3.99
N THR C 135 -11.55 0.11 5.30
CA THR C 135 -11.19 1.32 6.06
C THR C 135 -9.74 1.38 6.36
N PRO C 136 -9.23 2.60 6.56
CA PRO C 136 -7.82 2.74 6.89
C PRO C 136 -7.50 2.19 8.26
N ASP C 137 -8.45 2.16 9.20
CA ASP C 137 -8.21 1.46 10.45
C ASP C 137 -7.93 -0.02 10.24
N HIS C 138 -8.74 -0.71 9.45
CA HIS C 138 -8.47 -2.11 9.16
C HIS C 138 -7.18 -2.28 8.45
N ARG C 139 -6.88 -1.45 7.47
CA ARG C 139 -5.60 -1.59 6.74
C ARG C 139 -4.42 -1.41 7.69
N ALA C 140 -4.50 -0.40 8.56
CA ALA C 140 -3.42 -0.09 9.47
C ALA C 140 -3.16 -1.19 10.49
N VAL C 141 -4.21 -1.67 11.14
CA VAL C 141 -4.04 -2.63 12.19
C VAL C 141 -3.60 -4.00 11.60
N GLY C 142 -4.17 -4.40 10.48
CA GLY C 142 -3.80 -5.70 9.88
C GLY C 142 -2.35 -5.72 9.41
N LEU C 143 -1.95 -4.65 8.74
CA LEU C 143 -0.58 -4.48 8.30
C LEU C 143 0.40 -4.52 9.48
N ALA C 144 0.09 -3.73 10.51
CA ALA C 144 0.97 -3.66 11.67
C ALA C 144 1.03 -4.98 12.38
N ALA C 145 -0.05 -5.72 12.40
CA ALA C 145 -0.06 -7.02 13.02
C ALA C 145 0.82 -8.01 12.29
N LEU C 146 0.66 -8.07 10.96
CA LEU C 146 1.49 -8.94 10.15
C LEU C 146 2.94 -8.61 10.36
N ASP C 147 3.25 -7.32 10.34
CA ASP C 147 4.61 -6.85 10.57
C ASP C 147 5.13 -7.19 11.99
N ALA C 148 4.24 -7.16 12.97
CA ALA C 148 4.62 -7.41 14.33
C ALA C 148 5.08 -8.82 14.60
N VAL C 149 4.70 -9.76 13.77
CA VAL C 149 5.15 -11.10 13.94
C VAL C 149 6.68 -11.21 13.93
N ALA C 150 7.32 -10.68 12.90
CA ALA C 150 8.78 -10.69 12.85
C ALA C 150 9.38 -9.76 13.95
N ASP C 151 8.72 -8.63 14.21
CA ASP C 151 9.17 -7.72 15.30
C ASP C 151 9.19 -8.43 16.67
N ALA C 152 8.15 -9.22 16.96
CA ALA C 152 8.05 -9.87 18.25
C ALA C 152 9.18 -10.90 18.40
N ALA C 153 9.65 -11.44 17.29
CA ALA C 153 10.62 -12.51 17.26
C ALA C 153 12.06 -12.01 17.24
N ASN C 154 12.29 -10.70 16.99
CA ASN C 154 13.62 -10.14 16.85
C ASN C 154 14.02 -9.40 18.13
N ARG C 155 15.15 -9.80 18.69
CA ARG C 155 15.62 -9.34 19.96
C ARG C 155 15.91 -7.85 19.93
N TRP C 156 16.32 -7.30 18.78
CA TRP C 156 16.93 -5.95 18.76
C TRP C 156 15.98 -4.90 18.24
N ILE C 157 14.83 -5.32 17.75
CA ILE C 157 13.80 -4.40 17.32
C ILE C 157 12.95 -4.15 18.60
N PHE C 158 12.73 -2.90 18.87
CA PHE C 158 12.06 -2.47 20.07
C PHE C 158 12.75 -3.05 21.28
N PRO C 159 14.04 -2.73 21.44
CA PRO C 159 14.76 -3.25 22.61
C PRO C 159 14.17 -2.88 23.98
N GLU C 160 13.41 -1.80 24.06
CA GLU C 160 12.73 -1.43 25.29
C GLU C 160 11.82 -2.56 25.81
N LEU C 161 11.35 -3.42 24.94
CA LEU C 161 10.50 -4.56 25.38
C LEU C 161 11.24 -5.55 26.26
N LEU C 162 12.53 -5.73 26.01
CA LEU C 162 13.33 -6.59 26.88
C LEU C 162 13.34 -6.07 28.33
N ASP C 163 13.56 -4.76 28.48
CA ASP C 163 13.47 -4.08 29.79
C ASP C 163 12.14 -4.31 30.47
N GLU C 164 11.08 -4.34 29.68
CA GLU C 164 9.75 -4.70 30.18
C GLU C 164 9.63 -6.12 30.60
N GLY C 165 10.66 -6.94 30.40
CA GLY C 165 10.62 -8.35 30.82
C GLY C 165 10.05 -9.25 29.73
N LEU C 166 9.96 -8.78 28.50
CA LEU C 166 9.30 -9.55 27.42
C LEU C 166 10.33 -10.06 26.38
N GLU C 167 10.62 -11.34 26.43
CA GLU C 167 11.61 -11.97 25.58
C GLU C 167 10.98 -12.26 24.23
N PRO C 168 11.81 -12.40 23.18
CA PRO C 168 11.31 -12.63 21.85
C PRO C 168 10.43 -13.88 21.80
N TRP C 169 9.44 -13.85 20.92
CA TRP C 169 8.54 -14.95 20.73
C TRP C 169 8.24 -15.01 19.23
N ARG C 170 8.29 -16.19 18.63
CA ARG C 170 7.89 -16.34 17.21
C ARG C 170 6.60 -17.13 17.06
N ALA C 171 5.56 -16.46 16.56
CA ALA C 171 4.26 -17.11 16.31
C ALA C 171 4.38 -17.96 15.05
N GLY C 172 3.63 -19.06 14.99
CA GLY C 172 3.72 -20.04 13.91
C GLY C 172 3.11 -19.62 12.60
N LYS C 173 1.89 -19.06 12.64
CA LYS C 173 1.30 -18.51 11.47
C LYS C 173 0.29 -17.46 11.78
N VAL C 174 -0.05 -16.69 10.75
CA VAL C 174 -1.10 -15.68 10.81
C VAL C 174 -2.22 -16.05 9.87
N ALA C 175 -3.43 -15.97 10.37
CA ALA C 175 -4.62 -16.28 9.58
C ALA C 175 -5.43 -15.01 9.52
N ILE C 176 -5.69 -14.55 8.29
CA ILE C 176 -6.41 -13.29 8.07
C ILE C 176 -7.87 -13.60 7.80
N ALA C 177 -8.72 -13.17 8.69
CA ALA C 177 -10.15 -13.34 8.56
C ALA C 177 -10.74 -12.30 7.62
N GLY C 178 -11.78 -12.70 6.90
CA GLY C 178 -12.47 -11.80 5.96
C GLY C 178 -11.63 -11.29 4.77
N SER C 179 -10.57 -11.99 4.41
CA SER C 179 -9.76 -11.64 3.25
C SER C 179 -10.51 -11.99 1.96
N PRO C 180 -10.36 -11.14 0.92
CA PRO C 180 -10.84 -11.56 -0.41
C PRO C 180 -9.88 -12.55 -1.05
N HIS C 181 -8.69 -12.75 -0.49
CA HIS C 181 -7.77 -13.80 -0.96
C HIS C 181 -7.62 -15.03 -0.04
N ALA C 182 -8.70 -15.46 0.59
CA ALA C 182 -8.73 -16.65 1.44
C ALA C 182 -8.14 -17.88 0.74
N THR C 183 -7.40 -18.66 1.49
CA THR C 183 -6.71 -19.87 1.01
C THR C 183 -7.08 -21.13 1.76
N HIS C 184 -7.48 -20.97 3.02
CA HIS C 184 -7.74 -22.07 3.95
C HIS C 184 -9.11 -21.86 4.61
N ALA C 185 -9.65 -22.88 5.27
CA ALA C 185 -10.93 -22.75 5.98
C ALA C 185 -10.95 -23.60 7.24
N VAL C 186 -11.79 -23.17 8.19
CA VAL C 186 -12.04 -23.91 9.40
C VAL C 186 -13.47 -24.44 9.40
N ALA C 187 -13.63 -25.76 9.43
CA ALA C 187 -14.93 -26.39 9.53
C ALA C 187 -15.54 -26.14 10.90
N VAL C 188 -16.81 -25.74 10.89
CA VAL C 188 -17.50 -25.35 12.11
C VAL C 188 -18.74 -26.22 12.32
N ASP C 189 -18.93 -26.72 13.54
CA ASP C 189 -20.15 -27.49 13.86
C ASP C 189 -21.32 -26.58 14.32
N ASP C 190 -22.51 -27.16 14.40
CA ASP C 190 -23.72 -26.42 14.77
C ASP C 190 -23.69 -25.77 16.16
N ASP C 191 -23.10 -26.43 17.16
CA ASP C 191 -23.01 -25.88 18.52
C ASP C 191 -22.09 -24.64 18.53
N SER C 192 -20.98 -24.74 17.80
CA SER C 192 -20.04 -23.62 17.69
C SER C 192 -20.69 -22.46 16.95
N ARG C 193 -21.49 -22.78 15.94
CA ARG C 193 -22.27 -21.76 15.24
C ARG C 193 -23.23 -21.06 16.20
N ASP C 194 -24.04 -21.84 16.89
CA ASP C 194 -25.00 -21.30 17.85
C ASP C 194 -24.31 -20.35 18.82
N ARG C 195 -23.21 -20.82 19.39
CA ARG C 195 -22.43 -20.00 20.31
C ARG C 195 -21.95 -18.70 19.71
N ALA C 196 -21.48 -18.74 18.46
CA ALA C 196 -20.99 -17.53 17.81
C ALA C 196 -22.14 -16.54 17.61
N VAL C 197 -23.32 -17.05 17.28
CA VAL C 197 -24.50 -16.23 17.10
C VAL C 197 -24.78 -15.48 18.39
N ARG C 198 -24.76 -16.19 19.51
CA ARG C 198 -24.95 -15.57 20.81
CA ARG C 198 -24.95 -15.55 20.81
C ARG C 198 -23.87 -14.51 21.05
N SER C 199 -22.61 -14.88 20.79
CA SER C 199 -21.49 -13.93 20.93
C SER C 199 -21.74 -12.65 20.13
N LEU C 200 -21.92 -12.80 18.83
CA LEU C 200 -22.18 -11.65 17.98
C LEU C 200 -23.43 -10.85 18.43
N ALA C 201 -24.49 -11.58 18.77
CA ALA C 201 -25.74 -10.94 19.23
C ALA C 201 -25.50 -10.06 20.45
N ALA C 202 -24.46 -10.39 21.22
CA ALA C 202 -24.13 -9.59 22.38
C ALA C 202 -23.71 -8.14 22.06
N HIS C 203 -23.38 -7.85 20.80
CA HIS C 203 -23.12 -6.47 20.37
C HIS C 203 -24.44 -5.71 20.13
N ASP C 204 -25.25 -5.65 21.20
CA ASP C 204 -26.65 -5.28 21.12
C ASP C 204 -26.85 -3.89 20.55
N ARG C 205 -26.29 -2.89 21.20
CA ARG C 205 -26.47 -1.52 20.73
C ARG C 205 -25.82 -1.27 19.40
N TYR C 206 -24.67 -1.90 19.15
CA TYR C 206 -24.08 -1.78 17.85
C TYR C 206 -24.97 -2.34 16.72
N LEU C 207 -25.46 -3.56 16.86
CA LEU C 207 -26.35 -4.11 15.84
C LEU C 207 -27.64 -3.32 15.80
N GLY C 208 -28.10 -2.89 16.97
CA GLY C 208 -29.25 -2.02 17.08
C GLY C 208 -29.09 -0.77 16.23
N SER C 209 -27.87 -0.25 16.11
CA SER C 209 -27.65 0.94 15.29
C SER C 209 -27.79 0.66 13.78
N LEU C 210 -27.70 -0.61 13.38
CA LEU C 210 -27.70 -0.95 11.97
C LEU C 210 -28.91 -1.77 11.52
N SER C 211 -29.80 -2.12 12.46
CA SER C 211 -31.01 -2.87 12.12
C SER C 211 -32.02 -2.83 13.27
N ASP C 212 -33.30 -2.69 12.95
CA ASP C 212 -34.35 -2.78 13.97
C ASP C 212 -34.76 -4.22 14.31
N ASP C 213 -34.12 -5.22 13.69
CA ASP C 213 -34.41 -6.65 14.00
C ASP C 213 -33.90 -7.04 15.37
N PRO C 214 -34.44 -8.15 15.93
CA PRO C 214 -33.82 -8.66 17.17
C PRO C 214 -32.32 -8.89 16.97
N PRO C 215 -31.49 -8.49 17.94
CA PRO C 215 -30.02 -8.74 17.85
C PRO C 215 -29.70 -10.19 17.48
N GLN C 216 -30.42 -11.13 18.10
CA GLN C 216 -30.26 -12.56 17.84
C GLN C 216 -30.46 -12.91 16.35
N GLU C 217 -31.45 -12.30 15.73
CA GLU C 217 -31.82 -12.59 14.34
C GLU C 217 -30.82 -12.04 13.33
N ARG C 218 -30.44 -10.78 13.49
CA ARG C 218 -29.43 -10.21 12.61
C ARG C 218 -28.15 -11.04 12.67
N ALA C 219 -27.76 -11.41 13.89
CA ALA C 219 -26.54 -12.20 14.12
C ALA C 219 -26.64 -13.54 13.40
N ARG C 220 -27.76 -14.23 13.56
CA ARG C 220 -27.94 -15.52 12.89
C ARG C 220 -27.85 -15.33 11.38
N PHE C 221 -28.52 -14.32 10.85
CA PHE C 221 -28.47 -14.06 9.42
C PHE C 221 -27.03 -13.79 8.96
N ILE C 222 -26.38 -12.86 9.64
CA ILE C 222 -25.00 -12.49 9.30
C ILE C 222 -24.05 -13.70 9.28
N LEU C 223 -23.99 -14.44 10.38
CA LEU C 223 -23.08 -15.60 10.46
C LEU C 223 -23.57 -16.74 9.57
N GLY C 224 -24.87 -16.79 9.31
CA GLY C 224 -25.42 -17.72 8.33
C GLY C 224 -24.78 -17.49 6.98
N HIS C 225 -24.75 -16.23 6.55
CA HIS C 225 -24.14 -15.87 5.26
C HIS C 225 -22.66 -16.26 5.23
N LEU C 226 -21.91 -15.79 6.22
CA LEU C 226 -20.46 -16.05 6.30
C LEU C 226 -20.13 -17.52 6.05
N LEU C 227 -20.80 -18.38 6.79
CA LEU C 227 -20.53 -19.82 6.76
C LEU C 227 -20.95 -20.46 5.47
N ALA C 228 -22.17 -20.14 5.04
CA ALA C 228 -22.74 -20.73 3.83
C ALA C 228 -21.88 -20.42 2.61
N ALA C 229 -21.42 -19.17 2.50
CA ALA C 229 -20.60 -18.74 1.37
C ALA C 229 -19.12 -19.18 1.41
N THR C 230 -18.76 -20.04 2.36
CA THR C 230 -17.51 -20.79 2.32
C THR C 230 -17.70 -22.16 1.67
N ALA C 231 -18.82 -22.81 2.00
CA ALA C 231 -19.12 -24.20 1.59
C ALA C 231 -18.73 -24.63 0.18
N PRO C 232 -19.11 -23.84 -0.85
CA PRO C 232 -18.84 -24.24 -2.24
C PRO C 232 -17.36 -24.45 -2.52
N ARG C 233 -16.50 -23.65 -1.87
CA ARG C 233 -15.05 -23.79 -2.01
C ARG C 233 -14.42 -24.83 -1.08
N PHE C 234 -15.22 -25.38 -0.15
CA PHE C 234 -14.72 -26.26 0.94
C PHE C 234 -15.41 -27.65 0.94
N GLY C 235 -15.92 -28.06 -0.22
CA GLY C 235 -16.54 -29.36 -0.37
C GLY C 235 -17.87 -29.48 0.34
N GLY C 236 -18.61 -28.37 0.40
CA GLY C 236 -19.94 -28.38 0.96
C GLY C 236 -20.01 -28.08 2.44
N ARG C 237 -18.86 -27.91 3.09
CA ARG C 237 -18.84 -27.75 4.55
C ARG C 237 -18.94 -26.29 4.94
N ASP C 238 -19.78 -26.03 5.94
CA ASP C 238 -19.84 -24.70 6.51
C ASP C 238 -18.53 -24.47 7.22
N GLY C 239 -17.97 -23.28 7.07
CA GLY C 239 -16.73 -22.97 7.72
C GLY C 239 -16.42 -21.51 7.57
N VAL C 240 -15.30 -21.09 8.17
CA VAL C 240 -14.80 -19.71 8.12
C VAL C 240 -13.53 -19.74 7.31
N ALA C 241 -13.45 -18.88 6.32
CA ALA C 241 -12.33 -18.90 5.42
C ALA C 241 -11.25 -17.96 5.95
N PHE C 242 -9.98 -18.30 5.78
CA PHE C 242 -8.89 -17.43 6.16
C PHE C 242 -7.89 -17.38 5.05
N GLN C 243 -7.21 -16.24 4.95
CA GLN C 243 -5.99 -16.22 4.21
C GLN C 243 -4.81 -16.49 5.14
N ILE C 244 -4.00 -17.50 4.79
CA ILE C 244 -2.84 -17.82 5.62
C ILE C 244 -1.58 -17.24 5.06
N VAL C 245 -0.74 -16.67 5.94
CA VAL C 245 0.59 -16.21 5.62
C VAL C 245 1.57 -17.00 6.49
K K D . -0.79 14.94 -11.20
C ACT E . 4.22 17.80 -10.74
O ACT E . 3.46 18.84 -10.78
OXT ACT E . 4.83 17.28 -9.71
CH3 ACT E . 4.41 17.12 -12.07
K K F . 16.89 -6.99 4.03
C ACT G . 17.06 -7.15 9.61
O ACT G . 18.29 -6.87 9.33
OXT ACT G . 16.21 -6.41 10.27
CH3 ACT G . 16.56 -8.47 9.13
K K H . -13.77 -2.77 12.29
C ACT I . -15.85 2.13 13.16
O ACT I . -15.30 3.18 12.70
OXT ACT I . -15.81 1.73 14.38
CH3 ACT I . -16.61 1.31 12.17
#